data_1FYJ
#
_entry.id   1FYJ
#
_cell.length_a   1.000
_cell.length_b   1.000
_cell.length_c   1.000
_cell.angle_alpha   90.00
_cell.angle_beta   90.00
_cell.angle_gamma   90.00
#
_symmetry.space_group_name_H-M   'P 1'
#
_entity_poly.entity_id   1
_entity_poly.type   'polypeptide(L)'
_entity_poly.pdbx_seq_one_letter_code
;DSLVLYNRVAVQGDVVRELKAKKAPKEDVDAAVKQLLSLKAEYKEKTGQEYKPGNPP
;
_entity_poly.pdbx_strand_id   A
#
# COMPACT_ATOMS: atom_id res chain seq x y z
N ASP A 1 -16.27 8.68 2.32
CA ASP A 1 -16.39 7.55 1.37
C ASP A 1 -15.25 6.55 1.59
N SER A 2 -15.58 5.30 1.82
CA SER A 2 -14.53 4.26 2.05
C SER A 2 -13.71 4.06 0.76
N LEU A 3 -14.29 4.34 -0.37
CA LEU A 3 -13.56 4.15 -1.66
C LEU A 3 -12.32 5.07 -1.72
N VAL A 4 -12.44 6.28 -1.25
CA VAL A 4 -11.27 7.22 -1.28
C VAL A 4 -10.09 6.59 -0.53
N LEU A 5 -10.30 6.11 0.67
CA LEU A 5 -9.20 5.46 1.43
C LEU A 5 -8.68 4.26 0.64
N TYR A 6 -9.56 3.60 -0.08
CA TYR A 6 -9.13 2.42 -0.90
C TYR A 6 -8.05 2.83 -1.90
N ASN A 7 -8.27 3.91 -2.60
CA ASN A 7 -7.28 4.38 -3.62
C ASN A 7 -5.93 4.73 -2.98
N ARG A 8 -5.94 5.36 -1.83
CA ARG A 8 -4.65 5.78 -1.19
C ARG A 8 -3.74 4.58 -0.90
N VAL A 9 -4.24 3.56 -0.24
CA VAL A 9 -3.38 2.37 0.03
C VAL A 9 -3.03 1.68 -1.28
N ALA A 10 -4.00 1.58 -2.16
CA ALA A 10 -3.75 0.92 -3.48
C ALA A 10 -2.65 1.63 -4.27
N VAL A 11 -2.63 2.94 -4.24
CA VAL A 11 -1.60 3.71 -5.01
C VAL A 11 -0.18 3.33 -4.52
N GLN A 12 0.06 3.38 -3.23
CA GLN A 12 1.42 3.02 -2.72
C GLN A 12 1.72 1.56 -3.05
N GLY A 13 0.82 0.67 -2.70
CA GLY A 13 1.01 -0.82 -2.94
C GLY A 13 1.68 -1.07 -4.31
N ASP A 14 1.13 -0.49 -5.34
CA ASP A 14 1.69 -0.65 -6.72
C ASP A 14 3.09 -0.05 -6.83
N VAL A 15 3.33 1.09 -6.21
CA VAL A 15 4.68 1.73 -6.31
C VAL A 15 5.75 0.78 -5.77
N VAL A 16 5.48 0.13 -4.67
CA VAL A 16 6.47 -0.82 -4.09
C VAL A 16 6.78 -1.94 -5.10
N ARG A 17 5.74 -2.53 -5.65
CA ARG A 17 5.93 -3.64 -6.63
C ARG A 17 6.73 -3.15 -7.85
N GLU A 18 6.42 -1.97 -8.33
CA GLU A 18 7.15 -1.43 -9.53
C GLU A 18 8.65 -1.26 -9.24
N LEU A 19 8.98 -0.66 -8.13
CA LEU A 19 10.42 -0.43 -7.79
C LEU A 19 11.18 -1.76 -7.69
N LYS A 20 10.59 -2.75 -7.08
CA LYS A 20 11.27 -4.07 -6.95
C LYS A 20 11.48 -4.64 -8.34
N ALA A 21 10.50 -4.49 -9.19
CA ALA A 21 10.63 -4.97 -10.59
C ALA A 21 11.79 -4.23 -11.26
N LYS A 22 12.09 -3.03 -10.78
CA LYS A 22 13.23 -2.26 -11.36
C LYS A 22 14.56 -2.66 -10.71
N LYS A 23 14.58 -3.71 -9.90
CA LYS A 23 15.85 -4.16 -9.24
C LYS A 23 16.44 -3.04 -8.38
N ALA A 24 15.63 -2.10 -7.98
CA ALA A 24 16.13 -0.97 -7.13
C ALA A 24 16.76 -1.51 -5.84
N PRO A 25 17.48 -0.66 -5.13
CA PRO A 25 18.13 -1.08 -3.87
C PRO A 25 17.08 -1.36 -2.80
N LYS A 26 17.44 -2.08 -1.78
CA LYS A 26 16.47 -2.40 -0.69
C LYS A 26 15.89 -1.12 -0.08
N GLU A 27 16.66 -0.05 -0.10
CA GLU A 27 16.17 1.23 0.49
C GLU A 27 14.89 1.71 -0.21
N ASP A 28 14.82 1.57 -1.52
CA ASP A 28 13.58 2.01 -2.25
C ASP A 28 12.41 1.10 -1.92
N VAL A 29 12.63 -0.19 -1.92
CA VAL A 29 11.53 -1.14 -1.63
C VAL A 29 11.11 -1.04 -0.15
N ASP A 30 12.06 -1.06 0.74
CA ASP A 30 11.72 -0.96 2.21
C ASP A 30 10.99 0.34 2.53
N ALA A 31 11.50 1.46 2.08
CA ALA A 31 10.83 2.76 2.38
C ALA A 31 9.42 2.78 1.78
N ALA A 32 9.32 2.41 0.53
CA ALA A 32 7.99 2.41 -0.15
C ALA A 32 7.04 1.41 0.52
N VAL A 33 7.53 0.23 0.86
CA VAL A 33 6.62 -0.77 1.52
C VAL A 33 6.19 -0.22 2.88
N LYS A 34 7.10 0.44 3.55
CA LYS A 34 6.75 1.06 4.87
C LYS A 34 5.62 2.07 4.67
N GLN A 35 5.68 2.81 3.59
CA GLN A 35 4.62 3.83 3.32
C GLN A 35 3.26 3.15 3.17
N LEU A 36 3.17 2.12 2.36
CA LEU A 36 1.87 1.40 2.19
C LEU A 36 1.41 0.83 3.53
N LEU A 37 2.34 0.33 4.33
CA LEU A 37 1.96 -0.24 5.66
C LEU A 37 1.25 0.81 6.50
N SER A 38 1.73 2.03 6.47
CA SER A 38 1.05 3.12 7.24
C SER A 38 -0.39 3.27 6.74
N LEU A 39 -0.59 3.18 5.45
CA LEU A 39 -1.97 3.30 4.88
C LEU A 39 -2.80 2.10 5.33
N LYS A 40 -2.23 0.93 5.26
CA LYS A 40 -2.96 -0.30 5.69
C LYS A 40 -3.34 -0.19 7.16
N ALA A 41 -2.48 0.36 7.96
CA ALA A 41 -2.77 0.50 9.42
C ALA A 41 -4.04 1.33 9.64
N GLU A 42 -4.20 2.41 8.91
CA GLU A 42 -5.43 3.24 9.07
C GLU A 42 -6.67 2.42 8.72
N TYR A 43 -6.60 1.64 7.66
CA TYR A 43 -7.77 0.78 7.27
C TYR A 43 -8.11 -0.17 8.42
N LYS A 44 -7.09 -0.71 9.05
CA LYS A 44 -7.30 -1.67 10.18
C LYS A 44 -8.06 -1.01 11.34
N GLU A 45 -7.85 0.26 11.55
CA GLU A 45 -8.52 0.96 12.68
C GLU A 45 -10.05 0.82 12.61
N LYS A 46 -10.64 0.90 11.44
CA LYS A 46 -12.14 0.79 11.36
C LYS A 46 -12.61 -0.59 11.86
N THR A 47 -12.15 -1.66 11.26
CA THR A 47 -12.59 -3.01 11.72
C THR A 47 -11.57 -4.09 11.34
N GLY A 48 -10.32 -3.72 11.19
CA GLY A 48 -9.28 -4.72 10.82
C GLY A 48 -9.46 -5.18 9.37
N GLN A 49 -9.86 -4.30 8.49
CA GLN A 49 -10.06 -4.69 7.07
C GLN A 49 -8.74 -4.60 6.27
N GLU A 50 -7.73 -3.93 6.81
CA GLU A 50 -6.39 -3.78 6.12
C GLU A 50 -6.52 -3.61 4.59
N TYR A 51 -5.42 -3.76 3.88
CA TYR A 51 -5.47 -3.59 2.39
C TYR A 51 -6.19 -4.78 1.75
N LYS A 52 -7.41 -4.58 1.31
CA LYS A 52 -8.15 -5.69 0.65
C LYS A 52 -7.49 -5.99 -0.71
N PRO A 53 -7.32 -7.25 -1.02
CA PRO A 53 -6.66 -7.60 -2.31
C PRO A 53 -7.58 -7.30 -3.50
N GLY A 54 -7.13 -7.61 -4.69
CA GLY A 54 -7.94 -7.35 -5.91
C GLY A 54 -7.98 -5.85 -6.24
N ASN A 55 -7.10 -5.06 -5.66
CA ASN A 55 -7.09 -3.58 -5.97
C ASN A 55 -8.47 -2.96 -5.69
N PRO A 56 -8.58 -1.66 -5.88
CA PRO A 56 -9.90 -1.00 -5.64
C PRO A 56 -10.90 -1.39 -6.73
N PRO A 57 -12.17 -1.40 -6.37
CA PRO A 57 -13.23 -1.79 -7.34
C PRO A 57 -13.43 -0.69 -8.40
N ASP A 1 -17.70 0.77 -0.61
CA ASP A 1 -18.16 2.17 -0.78
C ASP A 1 -16.95 3.13 -0.81
N SER A 2 -16.07 3.00 0.15
CA SER A 2 -14.87 3.90 0.19
C SER A 2 -13.89 3.51 -0.93
N LEU A 3 -14.32 3.61 -2.16
CA LEU A 3 -13.43 3.25 -3.31
C LEU A 3 -12.26 4.23 -3.41
N VAL A 4 -12.52 5.49 -3.19
CA VAL A 4 -11.44 6.53 -3.28
C VAL A 4 -10.31 6.22 -2.28
N LEU A 5 -10.67 5.90 -1.05
CA LEU A 5 -9.62 5.60 -0.03
C LEU A 5 -8.78 4.41 -0.49
N TYR A 6 -9.40 3.42 -1.06
CA TYR A 6 -8.66 2.22 -1.56
C TYR A 6 -7.58 2.64 -2.55
N ASN A 7 -7.89 3.60 -3.39
CA ASN A 7 -6.88 4.07 -4.39
C ASN A 7 -5.62 4.59 -3.69
N ARG A 8 -5.78 5.30 -2.59
CA ARG A 8 -4.58 5.84 -1.87
C ARG A 8 -3.66 4.70 -1.42
N VAL A 9 -4.20 3.72 -0.74
CA VAL A 9 -3.35 2.57 -0.30
C VAL A 9 -2.92 1.78 -1.54
N ALA A 10 -3.82 1.64 -2.47
CA ALA A 10 -3.52 0.90 -3.73
C ALA A 10 -2.36 1.56 -4.48
N VAL A 11 -2.30 2.87 -4.49
CA VAL A 11 -1.20 3.56 -5.22
C VAL A 11 0.16 3.16 -4.64
N GLN A 12 0.33 3.23 -3.33
CA GLN A 12 1.64 2.82 -2.73
C GLN A 12 1.91 1.34 -3.06
N GLY A 13 0.94 0.49 -2.81
CA GLY A 13 1.07 -0.98 -3.06
C GLY A 13 1.82 -1.23 -4.39
N ASP A 14 1.30 -0.67 -5.46
CA ASP A 14 1.93 -0.84 -6.79
C ASP A 14 3.32 -0.19 -6.82
N VAL A 15 3.50 0.92 -6.15
CA VAL A 15 4.84 1.60 -6.15
C VAL A 15 5.91 0.66 -5.60
N VAL A 16 5.58 -0.08 -4.56
CA VAL A 16 6.56 -1.06 -3.99
C VAL A 16 6.95 -2.07 -5.07
N ARG A 17 5.96 -2.63 -5.73
CA ARG A 17 6.25 -3.63 -6.80
C ARG A 17 7.09 -2.99 -7.93
N GLU A 18 6.76 -1.78 -8.32
CA GLU A 18 7.54 -1.11 -9.41
C GLU A 18 9.00 -0.86 -8.99
N LEU A 19 9.22 -0.43 -7.77
CA LEU A 19 10.62 -0.18 -7.31
C LEU A 19 11.44 -1.46 -7.38
N LYS A 20 10.86 -2.56 -7.01
CA LYS A 20 11.59 -3.86 -7.03
C LYS A 20 11.87 -4.22 -8.49
N ALA A 21 10.92 -3.99 -9.36
CA ALA A 21 11.12 -4.29 -10.80
C ALA A 21 12.30 -3.45 -11.32
N LYS A 22 12.54 -2.33 -10.68
CA LYS A 22 13.69 -1.47 -11.10
C LYS A 22 14.98 -1.92 -10.40
N LYS A 23 14.96 -3.07 -9.72
CA LYS A 23 16.19 -3.58 -9.02
C LYS A 23 16.72 -2.56 -8.02
N ALA A 24 15.89 -1.63 -7.60
CA ALA A 24 16.34 -0.60 -6.63
C ALA A 24 16.84 -1.28 -5.34
N PRO A 25 17.58 -0.53 -4.54
CA PRO A 25 18.13 -1.11 -3.28
C PRO A 25 17.02 -1.41 -2.28
N LYS A 26 17.32 -2.23 -1.30
CA LYS A 26 16.31 -2.59 -0.26
C LYS A 26 15.74 -1.32 0.40
N GLU A 27 16.51 -0.27 0.42
CA GLU A 27 16.04 1.01 1.04
C GLU A 27 14.76 1.50 0.34
N ASP A 28 14.69 1.38 -0.96
CA ASP A 28 13.47 1.84 -1.69
C ASP A 28 12.28 0.90 -1.42
N VAL A 29 12.50 -0.39 -1.47
CA VAL A 29 11.39 -1.35 -1.22
C VAL A 29 10.97 -1.29 0.25
N ASP A 30 11.93 -1.39 1.14
CA ASP A 30 11.60 -1.36 2.60
C ASP A 30 10.90 -0.04 2.98
N ALA A 31 11.41 1.07 2.52
CA ALA A 31 10.76 2.38 2.86
C ALA A 31 9.34 2.41 2.33
N ALA A 32 9.16 2.06 1.09
CA ALA A 32 7.78 2.08 0.49
C ALA A 32 6.89 1.05 1.17
N VAL A 33 7.39 -0.14 1.42
CA VAL A 33 6.56 -1.18 2.10
C VAL A 33 6.24 -0.69 3.52
N LYS A 34 7.21 -0.09 4.20
CA LYS A 34 6.93 0.46 5.56
C LYS A 34 5.83 1.51 5.43
N GLN A 35 5.94 2.33 4.42
CA GLN A 35 4.91 3.38 4.17
C GLN A 35 3.60 2.67 3.83
N LEU A 36 3.70 1.65 3.02
CA LEU A 36 2.50 0.85 2.62
C LEU A 36 1.86 0.23 3.86
N LEU A 37 2.64 -0.36 4.73
CA LEU A 37 2.06 -0.97 5.97
C LEU A 37 1.34 0.12 6.78
N SER A 38 1.91 1.30 6.82
CA SER A 38 1.25 2.42 7.57
C SER A 38 -0.13 2.69 6.99
N LEU A 39 -0.30 2.53 5.69
CA LEU A 39 -1.63 2.78 5.06
C LEU A 39 -2.67 1.83 5.69
N LYS A 40 -2.35 0.56 5.76
CA LYS A 40 -3.30 -0.43 6.39
C LYS A 40 -3.53 -0.04 7.85
N ALA A 41 -2.49 0.39 8.51
CA ALA A 41 -2.59 0.77 9.94
C ALA A 41 -3.58 1.91 10.12
N GLU A 42 -3.53 2.93 9.27
CA GLU A 42 -4.49 4.06 9.41
C GLU A 42 -5.93 3.55 9.28
N TYR A 43 -6.21 2.79 8.25
CA TYR A 43 -7.58 2.22 8.08
C TYR A 43 -7.88 1.24 9.21
N LYS A 44 -6.89 0.50 9.62
CA LYS A 44 -7.08 -0.51 10.71
C LYS A 44 -7.52 0.14 12.02
N GLU A 45 -7.00 1.30 12.35
CA GLU A 45 -7.37 1.96 13.63
C GLU A 45 -8.89 2.15 13.78
N LYS A 46 -9.58 2.48 12.71
CA LYS A 46 -11.06 2.69 12.83
C LYS A 46 -11.78 1.40 13.25
N THR A 47 -11.66 0.35 12.48
CA THR A 47 -12.34 -0.93 12.83
C THR A 47 -11.64 -2.13 12.17
N GLY A 48 -10.39 -1.99 11.82
CA GLY A 48 -9.67 -3.12 11.16
C GLY A 48 -10.24 -3.32 9.75
N GLN A 49 -10.11 -2.34 8.89
CA GLN A 49 -10.66 -2.46 7.51
C GLN A 49 -9.70 -3.20 6.58
N GLU A 50 -8.41 -2.92 6.66
CA GLU A 50 -7.37 -3.58 5.78
C GLU A 50 -7.93 -3.90 4.37
N TYR A 51 -7.76 -2.99 3.44
CA TYR A 51 -8.30 -3.20 2.06
C TYR A 51 -7.87 -4.57 1.50
N LYS A 52 -8.65 -5.11 0.59
CA LYS A 52 -8.34 -6.46 0.03
C LYS A 52 -6.97 -6.45 -0.66
N PRO A 53 -6.33 -7.60 -0.73
CA PRO A 53 -4.98 -7.69 -1.33
C PRO A 53 -5.04 -7.59 -2.86
N GLY A 54 -6.20 -7.78 -3.45
CA GLY A 54 -6.28 -7.68 -4.94
C GLY A 54 -6.51 -6.23 -5.42
N ASN A 55 -5.97 -5.26 -4.72
CA ASN A 55 -6.15 -3.83 -5.15
C ASN A 55 -7.64 -3.48 -5.31
N PRO A 56 -7.93 -2.23 -5.65
CA PRO A 56 -9.34 -1.80 -5.82
C PRO A 56 -9.96 -2.42 -7.09
N PRO A 57 -11.26 -2.63 -7.05
CA PRO A 57 -11.96 -3.23 -8.21
C PRO A 57 -12.06 -2.21 -9.35
N ASP A 1 -18.76 6.02 -0.25
CA ASP A 1 -17.76 4.95 0.01
C ASP A 1 -16.36 5.56 0.01
N SER A 2 -15.46 5.00 0.78
CA SER A 2 -14.06 5.56 0.82
C SER A 2 -13.32 5.23 -0.49
N LEU A 3 -13.85 5.66 -1.61
CA LEU A 3 -13.19 5.39 -2.92
C LEU A 3 -11.84 6.09 -2.97
N VAL A 4 -11.81 7.31 -2.48
CA VAL A 4 -10.54 8.09 -2.46
C VAL A 4 -9.44 7.33 -1.69
N LEU A 5 -9.81 6.74 -0.59
CA LEU A 5 -8.83 5.96 0.24
C LEU A 5 -8.24 4.82 -0.60
N TYR A 6 -9.06 4.17 -1.37
CA TYR A 6 -8.57 3.03 -2.20
C TYR A 6 -7.47 3.49 -3.17
N ASN A 7 -7.63 4.65 -3.75
CA ASN A 7 -6.60 5.14 -4.70
C ASN A 7 -5.26 5.34 -3.98
N ARG A 8 -5.27 5.86 -2.77
CA ARG A 8 -3.99 6.08 -2.02
C ARG A 8 -3.25 4.77 -1.75
N VAL A 9 -3.92 3.76 -1.22
CA VAL A 9 -3.22 2.47 -0.92
C VAL A 9 -2.74 1.80 -2.23
N ALA A 10 -3.56 1.80 -3.24
CA ALA A 10 -3.16 1.16 -4.54
C ALA A 10 -1.94 1.87 -5.16
N VAL A 11 -1.90 3.18 -5.09
CA VAL A 11 -0.76 3.94 -5.72
C VAL A 11 0.58 3.52 -5.11
N GLN A 12 0.68 3.47 -3.80
CA GLN A 12 1.99 3.07 -3.18
C GLN A 12 2.37 1.65 -3.65
N GLY A 13 1.43 0.72 -3.57
CA GLY A 13 1.68 -0.71 -3.96
C GLY A 13 2.56 -0.77 -5.23
N ASP A 14 2.12 -0.13 -6.27
CA ASP A 14 2.89 -0.09 -7.55
C ASP A 14 4.23 0.62 -7.37
N VAL A 15 4.27 1.67 -6.59
CA VAL A 15 5.54 2.41 -6.39
C VAL A 15 6.60 1.47 -5.79
N VAL A 16 6.22 0.68 -4.81
CA VAL A 16 7.21 -0.29 -4.22
C VAL A 16 7.66 -1.25 -5.34
N ARG A 17 6.73 -1.73 -6.11
CA ARG A 17 7.07 -2.66 -7.23
C ARG A 17 8.00 -1.98 -8.24
N GLU A 18 7.76 -0.73 -8.55
CA GLU A 18 8.64 -0.01 -9.55
C GLU A 18 10.07 0.12 -9.02
N LEU A 19 10.23 0.50 -7.78
CA LEU A 19 11.60 0.66 -7.20
C LEU A 19 12.37 -0.66 -7.23
N LYS A 20 11.71 -1.75 -6.89
CA LYS A 20 12.40 -3.07 -6.89
C LYS A 20 12.83 -3.41 -8.31
N ALA A 21 11.98 -3.11 -9.27
CA ALA A 21 12.33 -3.36 -10.69
C ALA A 21 13.57 -2.53 -11.04
N LYS A 22 13.77 -1.44 -10.33
CA LYS A 22 14.97 -0.58 -10.59
C LYS A 22 16.20 -1.12 -9.83
N LYS A 23 16.10 -2.29 -9.22
CA LYS A 23 17.27 -2.88 -8.46
C LYS A 23 17.73 -1.93 -7.35
N ALA A 24 16.87 -1.03 -6.94
CA ALA A 24 17.25 -0.09 -5.85
C ALA A 24 17.60 -0.87 -4.57
N PRO A 25 18.28 -0.22 -3.65
CA PRO A 25 18.68 -0.90 -2.39
C PRO A 25 17.46 -1.17 -1.50
N LYS A 26 17.63 -2.00 -0.50
CA LYS A 26 16.51 -2.32 0.43
C LYS A 26 15.93 -1.05 1.06
N GLU A 27 16.73 -0.02 1.18
CA GLU A 27 16.23 1.26 1.79
C GLU A 27 15.04 1.81 0.98
N ASP A 28 15.11 1.73 -0.33
CA ASP A 28 13.99 2.26 -1.17
C ASP A 28 12.77 1.34 -1.08
N VAL A 29 12.96 0.05 -1.19
CA VAL A 29 11.80 -0.89 -1.10
C VAL A 29 11.16 -0.80 0.29
N ASP A 30 11.97 -0.90 1.31
CA ASP A 30 11.44 -0.82 2.71
C ASP A 30 10.73 0.52 2.96
N ALA A 31 11.33 1.60 2.55
CA ALA A 31 10.70 2.94 2.76
C ALA A 31 9.34 3.01 2.08
N ALA A 32 9.28 2.65 0.82
CA ALA A 32 7.98 2.69 0.09
C ALA A 32 6.98 1.73 0.71
N VAL A 33 7.40 0.51 1.00
CA VAL A 33 6.46 -0.46 1.64
C VAL A 33 6.10 0.06 3.03
N LYS A 34 7.04 0.68 3.71
CA LYS A 34 6.74 1.25 5.06
C LYS A 34 5.62 2.28 4.91
N GLN A 35 5.71 3.12 3.91
CA GLN A 35 4.64 4.13 3.66
C GLN A 35 3.34 3.39 3.32
N LEU A 36 3.44 2.45 2.44
CA LEU A 36 2.26 1.63 2.03
C LEU A 36 1.67 0.91 3.24
N LEU A 37 2.50 0.40 4.11
CA LEU A 37 1.99 -0.31 5.32
C LEU A 37 1.14 0.64 6.15
N SER A 38 1.53 1.88 6.24
CA SER A 38 0.72 2.87 7.02
C SER A 38 -0.69 2.96 6.43
N LEU A 39 -0.80 2.93 5.13
CA LEU A 39 -2.15 3.00 4.48
C LEU A 39 -2.94 1.75 4.86
N LYS A 40 -2.39 0.59 4.61
CA LYS A 40 -3.07 -0.68 4.98
C LYS A 40 -3.29 -0.72 6.49
N ALA A 41 -2.36 -0.18 7.24
CA ALA A 41 -2.46 -0.18 8.73
C ALA A 41 -3.74 0.54 9.17
N GLU A 42 -4.10 1.63 8.52
CA GLU A 42 -5.34 2.34 8.91
C GLU A 42 -6.58 1.48 8.60
N TYR A 43 -6.56 0.82 7.47
CA TYR A 43 -7.73 -0.05 7.09
C TYR A 43 -7.95 -1.17 8.12
N LYS A 44 -6.89 -1.84 8.53
CA LYS A 44 -7.05 -2.97 9.50
C LYS A 44 -7.64 -2.50 10.83
N GLU A 45 -7.57 -1.22 11.13
CA GLU A 45 -8.12 -0.72 12.42
C GLU A 45 -9.60 -1.04 12.56
N LYS A 46 -10.35 -0.91 11.49
CA LYS A 46 -11.82 -1.20 11.56
C LYS A 46 -12.08 -2.66 11.91
N THR A 47 -11.57 -3.59 11.13
CA THR A 47 -11.79 -5.04 11.43
C THR A 47 -10.63 -5.89 10.89
N GLY A 48 -9.49 -5.28 10.64
CA GLY A 48 -8.32 -6.05 10.11
C GLY A 48 -8.61 -6.51 8.67
N GLN A 49 -9.23 -5.66 7.90
CA GLN A 49 -9.57 -6.03 6.49
C GLN A 49 -8.46 -5.65 5.50
N GLU A 50 -7.52 -4.81 5.92
CA GLU A 50 -6.38 -4.38 5.03
C GLU A 50 -6.80 -4.13 3.56
N TYR A 51 -5.85 -3.82 2.71
CA TYR A 51 -6.17 -3.56 1.27
C TYR A 51 -6.47 -4.87 0.53
N LYS A 52 -7.58 -5.51 0.80
CA LYS A 52 -7.90 -6.78 0.09
C LYS A 52 -8.20 -6.46 -1.39
N PRO A 53 -7.93 -7.40 -2.27
CA PRO A 53 -8.19 -7.18 -3.71
C PRO A 53 -9.69 -7.13 -3.98
N GLY A 54 -10.41 -8.18 -3.66
CA GLY A 54 -11.88 -8.15 -3.87
C GLY A 54 -12.56 -7.45 -2.70
N ASN A 55 -12.10 -6.29 -2.31
CA ASN A 55 -12.75 -5.57 -1.18
C ASN A 55 -12.73 -4.04 -1.44
N PRO A 56 -13.34 -3.64 -2.54
CA PRO A 56 -13.42 -2.20 -2.90
C PRO A 56 -14.36 -1.46 -1.93
N PRO A 57 -14.08 -0.19 -1.70
CA PRO A 57 -14.93 0.61 -0.79
C PRO A 57 -16.33 0.81 -1.37
N ASP A 1 -16.30 8.88 0.20
CA ASP A 1 -16.20 7.87 -0.89
C ASP A 1 -15.33 6.69 -0.44
N SER A 2 -15.94 5.56 -0.17
CA SER A 2 -15.15 4.36 0.28
C SER A 2 -14.21 3.89 -0.83
N LEU A 3 -14.67 3.89 -2.06
CA LEU A 3 -13.80 3.44 -3.19
C LEU A 3 -12.59 4.34 -3.32
N VAL A 4 -12.80 5.63 -3.19
CA VAL A 4 -11.67 6.60 -3.31
C VAL A 4 -10.59 6.27 -2.25
N LEU A 5 -10.98 6.06 -1.02
CA LEU A 5 -9.98 5.72 0.03
C LEU A 5 -9.22 4.44 -0.36
N TYR A 6 -9.95 3.46 -0.86
CA TYR A 6 -9.29 2.19 -1.29
C TYR A 6 -8.26 2.46 -2.39
N ASN A 7 -8.58 3.34 -3.31
CA ASN A 7 -7.62 3.66 -4.41
C ASN A 7 -6.31 4.20 -3.84
N ARG A 8 -6.39 5.02 -2.83
CA ARG A 8 -5.15 5.62 -2.23
C ARG A 8 -4.22 4.52 -1.70
N VAL A 9 -4.74 3.56 -0.96
CA VAL A 9 -3.86 2.47 -0.46
C VAL A 9 -3.40 1.59 -1.63
N ALA A 10 -4.28 1.32 -2.55
CA ALA A 10 -3.92 0.48 -3.75
C ALA A 10 -2.80 1.14 -4.54
N VAL A 11 -2.85 2.44 -4.67
CA VAL A 11 -1.80 3.17 -5.45
C VAL A 11 -0.41 2.95 -4.83
N GLN A 12 -0.29 3.12 -3.55
CA GLN A 12 1.04 2.94 -2.90
C GLN A 12 1.53 1.50 -3.13
N GLY A 13 0.69 0.54 -2.84
CA GLY A 13 1.04 -0.92 -2.99
C GLY A 13 1.82 -1.14 -4.30
N ASP A 14 1.24 -0.73 -5.40
CA ASP A 14 1.90 -0.91 -6.74
C ASP A 14 3.22 -0.14 -6.84
N VAL A 15 3.30 1.03 -6.23
CA VAL A 15 4.57 1.83 -6.33
C VAL A 15 5.74 1.02 -5.76
N VAL A 16 5.54 0.38 -4.64
CA VAL A 16 6.64 -0.44 -4.02
C VAL A 16 7.07 -1.54 -5.00
N ARG A 17 6.11 -2.20 -5.61
CA ARG A 17 6.45 -3.29 -6.58
C ARG A 17 7.27 -2.75 -7.75
N GLU A 18 6.94 -1.57 -8.23
CA GLU A 18 7.69 -0.99 -9.40
C GLU A 18 9.18 -0.82 -9.08
N LEU A 19 9.51 -0.32 -7.91
CA LEU A 19 10.95 -0.14 -7.56
C LEU A 19 11.68 -1.49 -7.58
N LYS A 20 11.03 -2.52 -7.10
CA LYS A 20 11.67 -3.86 -7.08
C LYS A 20 11.94 -4.31 -8.52
N ALA A 21 11.03 -4.02 -9.41
CA ALA A 21 11.25 -4.37 -10.84
C ALA A 21 12.47 -3.62 -11.34
N LYS A 22 12.79 -2.50 -10.73
CA LYS A 22 13.98 -1.71 -11.15
C LYS A 22 15.25 -2.26 -10.44
N LYS A 23 15.14 -3.36 -9.72
CA LYS A 23 16.33 -3.94 -9.00
C LYS A 23 16.96 -2.90 -8.07
N ALA A 24 16.18 -1.96 -7.64
CA ALA A 24 16.71 -0.90 -6.71
C ALA A 24 17.28 -1.55 -5.44
N PRO A 25 17.94 -0.77 -4.63
CA PRO A 25 18.53 -1.31 -3.37
C PRO A 25 17.42 -1.62 -2.37
N LYS A 26 17.67 -2.53 -1.46
CA LYS A 26 16.61 -2.88 -0.44
C LYS A 26 16.13 -1.64 0.30
N GLU A 27 16.94 -0.62 0.37
CA GLU A 27 16.52 0.63 1.09
C GLU A 27 15.26 1.22 0.46
N ASP A 28 15.17 1.20 -0.85
CA ASP A 28 13.96 1.76 -1.54
C ASP A 28 12.75 0.84 -1.36
N VAL A 29 12.95 -0.43 -1.56
CA VAL A 29 11.81 -1.39 -1.42
C VAL A 29 11.33 -1.46 0.04
N ASP A 30 12.23 -1.64 0.97
CA ASP A 30 11.82 -1.72 2.41
C ASP A 30 11.11 -0.45 2.88
N ALA A 31 11.70 0.70 2.64
CA ALA A 31 11.04 1.96 3.09
C ALA A 31 9.69 2.14 2.39
N ALA A 32 9.66 1.93 1.11
CA ALA A 32 8.39 2.09 0.36
C ALA A 32 7.36 1.04 0.80
N VAL A 33 7.78 -0.18 1.03
CA VAL A 33 6.80 -1.23 1.47
C VAL A 33 6.31 -0.89 2.89
N LYS A 34 7.19 -0.41 3.74
CA LYS A 34 6.77 -0.02 5.12
C LYS A 34 5.70 1.08 5.03
N GLN A 35 5.84 1.94 4.05
CA GLN A 35 4.86 3.05 3.86
C GLN A 35 3.46 2.46 3.61
N LEU A 36 3.40 1.39 2.86
CA LEU A 36 2.08 0.76 2.57
C LEU A 36 1.41 0.34 3.88
N LEU A 37 2.18 -0.20 4.80
CA LEU A 37 1.60 -0.63 6.12
C LEU A 37 0.94 0.56 6.80
N SER A 38 1.50 1.73 6.64
CA SER A 38 0.90 2.95 7.26
C SER A 38 -0.52 3.13 6.72
N LEU A 39 -0.71 2.90 5.45
CA LEU A 39 -2.08 3.02 4.85
C LEU A 39 -3.02 2.05 5.57
N LYS A 40 -2.61 0.82 5.68
CA LYS A 40 -3.43 -0.20 6.40
C LYS A 40 -3.56 0.23 7.87
N ALA A 41 -2.55 0.87 8.40
CA ALA A 41 -2.59 1.32 9.81
C ALA A 41 -3.76 2.29 10.03
N GLU A 42 -3.97 3.20 9.11
CA GLU A 42 -5.12 4.14 9.24
C GLU A 42 -6.41 3.32 9.24
N TYR A 43 -6.49 2.37 8.35
CA TYR A 43 -7.68 1.47 8.27
C TYR A 43 -7.84 0.71 9.59
N LYS A 44 -6.74 0.24 10.13
CA LYS A 44 -6.78 -0.53 11.42
C LYS A 44 -7.39 0.30 12.55
N GLU A 45 -7.11 1.58 12.58
CA GLU A 45 -7.65 2.43 13.69
C GLU A 45 -9.18 2.32 13.77
N LYS A 46 -9.85 2.29 12.65
CA LYS A 46 -11.34 2.19 12.68
C LYS A 46 -11.79 0.81 13.21
N THR A 47 -11.45 -0.25 12.52
CA THR A 47 -11.85 -1.62 13.01
C THR A 47 -11.09 -2.72 12.27
N GLY A 48 -9.88 -2.46 11.84
CA GLY A 48 -9.11 -3.51 11.10
C GLY A 48 -9.79 -3.77 9.75
N GLN A 49 -9.81 -2.78 8.89
CA GLN A 49 -10.46 -2.95 7.57
C GLN A 49 -9.51 -3.62 6.59
N GLU A 50 -8.22 -3.36 6.72
CA GLU A 50 -7.16 -3.96 5.83
C GLU A 50 -7.64 -4.19 4.38
N TYR A 51 -7.33 -3.29 3.49
CA TYR A 51 -7.76 -3.45 2.07
C TYR A 51 -7.26 -4.79 1.49
N LYS A 52 -8.09 -5.44 0.71
CA LYS A 52 -7.68 -6.77 0.13
C LYS A 52 -6.57 -6.57 -0.91
N PRO A 53 -5.84 -7.63 -1.19
CA PRO A 53 -4.75 -7.56 -2.18
C PRO A 53 -5.29 -7.49 -3.61
N GLY A 54 -6.59 -7.62 -3.80
CA GLY A 54 -7.15 -7.53 -5.19
C GLY A 54 -7.35 -6.08 -5.63
N ASN A 55 -6.84 -5.12 -4.88
CA ASN A 55 -6.99 -3.69 -5.28
C ASN A 55 -8.49 -3.32 -5.45
N PRO A 56 -8.75 -2.04 -5.69
CA PRO A 56 -10.15 -1.58 -5.87
C PRO A 56 -10.73 -2.10 -7.19
N PRO A 57 -12.03 -2.30 -7.22
CA PRO A 57 -12.70 -2.82 -8.44
C PRO A 57 -12.61 -1.79 -9.58
N ASP A 1 -18.52 5.48 0.16
CA ASP A 1 -17.91 5.49 -1.20
C ASP A 1 -16.50 6.08 -1.14
N SER A 2 -15.69 5.63 -0.21
CA SER A 2 -14.28 6.15 -0.09
C SER A 2 -13.42 5.65 -1.26
N LEU A 3 -13.80 5.97 -2.46
CA LEU A 3 -13.01 5.51 -3.66
C LEU A 3 -11.60 6.09 -3.61
N VAL A 4 -11.51 7.36 -3.28
CA VAL A 4 -10.18 8.03 -3.22
C VAL A 4 -9.26 7.37 -2.18
N LEU A 5 -9.79 7.00 -1.03
CA LEU A 5 -8.93 6.36 0.02
C LEU A 5 -8.32 5.06 -0.51
N TYR A 6 -9.13 4.22 -1.12
CA TYR A 6 -8.60 2.94 -1.67
C TYR A 6 -7.49 3.20 -2.68
N ASN A 7 -7.63 4.23 -3.47
CA ASN A 7 -6.58 4.55 -4.48
C ASN A 7 -5.23 4.80 -3.82
N ARG A 8 -5.23 5.49 -2.69
CA ARG A 8 -3.94 5.77 -1.99
C ARG A 8 -3.23 4.48 -1.60
N VAL A 9 -3.93 3.54 -0.98
CA VAL A 9 -3.27 2.26 -0.60
C VAL A 9 -2.85 1.49 -1.86
N ALA A 10 -3.69 1.49 -2.87
CA ALA A 10 -3.34 0.77 -4.13
C ALA A 10 -2.11 1.40 -4.79
N VAL A 11 -2.01 2.71 -4.76
CA VAL A 11 -0.85 3.40 -5.40
C VAL A 11 0.46 2.97 -4.74
N GLN A 12 0.51 2.87 -3.43
CA GLN A 12 1.78 2.46 -2.76
C GLN A 12 2.15 1.03 -3.19
N GLY A 13 1.25 0.09 -3.00
CA GLY A 13 1.51 -1.36 -3.36
C GLY A 13 2.31 -1.47 -4.66
N ASP A 14 1.82 -0.82 -5.70
CA ASP A 14 2.52 -0.85 -7.02
C ASP A 14 3.93 -0.25 -6.91
N VAL A 15 4.08 0.81 -6.14
CA VAL A 15 5.43 1.45 -6.02
C VAL A 15 6.44 0.44 -5.47
N VAL A 16 6.06 -0.37 -4.51
CA VAL A 16 7.02 -1.39 -3.96
C VAL A 16 7.46 -2.32 -5.11
N ARG A 17 6.50 -2.84 -5.84
CA ARG A 17 6.82 -3.75 -6.98
C ARG A 17 7.68 -3.01 -8.01
N GLU A 18 7.31 -1.80 -8.32
CA GLU A 18 8.08 -1.00 -9.32
C GLU A 18 9.53 -0.82 -8.88
N LEU A 19 9.72 -0.41 -7.65
CA LEU A 19 11.11 -0.19 -7.14
C LEU A 19 11.91 -1.50 -7.22
N LYS A 20 11.32 -2.57 -6.78
CA LYS A 20 12.01 -3.89 -6.84
C LYS A 20 12.19 -4.27 -8.30
N ALA A 21 11.19 -4.01 -9.10
CA ALA A 21 11.28 -4.30 -10.57
C ALA A 21 12.43 -3.49 -11.16
N LYS A 22 12.68 -2.32 -10.60
CA LYS A 22 13.80 -1.47 -11.09
C LYS A 22 15.13 -1.87 -10.44
N LYS A 23 15.17 -2.99 -9.73
CA LYS A 23 16.44 -3.44 -9.07
C LYS A 23 16.93 -2.40 -8.06
N ALA A 24 16.06 -1.54 -7.61
CA ALA A 24 16.48 -0.49 -6.61
C ALA A 24 17.00 -1.18 -5.33
N PRO A 25 17.67 -0.42 -4.49
CA PRO A 25 18.24 -0.99 -3.25
C PRO A 25 17.14 -1.34 -2.23
N LYS A 26 17.44 -2.18 -1.28
CA LYS A 26 16.43 -2.57 -0.25
C LYS A 26 15.88 -1.32 0.45
N GLU A 27 16.65 -0.25 0.49
CA GLU A 27 16.16 1.00 1.15
C GLU A 27 14.88 1.50 0.46
N ASP A 28 14.83 1.41 -0.85
CA ASP A 28 13.61 1.87 -1.59
C ASP A 28 12.41 0.95 -1.34
N VAL A 29 12.60 -0.34 -1.49
CA VAL A 29 11.46 -1.28 -1.28
C VAL A 29 11.01 -1.25 0.19
N ASP A 30 11.95 -1.24 1.08
CA ASP A 30 11.59 -1.21 2.54
C ASP A 30 10.79 0.06 2.88
N ALA A 31 11.17 1.17 2.33
CA ALA A 31 10.44 2.44 2.61
C ALA A 31 8.99 2.37 2.12
N ALA A 32 8.81 1.95 0.89
CA ALA A 32 7.43 1.86 0.33
C ALA A 32 6.63 0.78 1.06
N VAL A 33 7.24 -0.34 1.36
CA VAL A 33 6.50 -1.41 2.11
C VAL A 33 6.23 -0.87 3.52
N LYS A 34 7.19 -0.16 4.08
CA LYS A 34 6.98 0.44 5.44
C LYS A 34 5.79 1.41 5.36
N GLN A 35 5.79 2.23 4.33
CA GLN A 35 4.66 3.19 4.14
C GLN A 35 3.39 2.38 3.89
N LEU A 36 3.53 1.34 3.10
CA LEU A 36 2.38 0.45 2.78
C LEU A 36 1.80 -0.17 4.07
N LEU A 37 2.65 -0.57 4.98
CA LEU A 37 2.14 -1.16 6.26
C LEU A 37 1.25 -0.15 6.98
N SER A 38 1.65 1.09 6.98
CA SER A 38 0.82 2.15 7.64
C SER A 38 -0.56 2.20 6.97
N LEU A 39 -0.60 2.01 5.67
CA LEU A 39 -1.91 2.06 4.95
C LEU A 39 -2.86 0.99 5.48
N LYS A 40 -2.46 -0.26 5.47
CA LYS A 40 -3.35 -1.33 6.02
C LYS A 40 -3.60 -1.07 7.49
N ALA A 41 -2.60 -0.58 8.17
CA ALA A 41 -2.75 -0.28 9.62
C ALA A 41 -3.85 0.75 9.87
N GLU A 42 -3.90 1.80 9.07
CA GLU A 42 -4.98 2.83 9.27
C GLU A 42 -6.35 2.16 9.10
N TYR A 43 -6.53 1.39 8.06
CA TYR A 43 -7.81 0.66 7.86
C TYR A 43 -8.05 -0.29 9.05
N LYS A 44 -7.00 -0.92 9.51
CA LYS A 44 -7.11 -1.86 10.67
C LYS A 44 -7.65 -1.15 11.92
N GLU A 45 -7.41 0.13 12.03
CA GLU A 45 -7.89 0.88 13.25
C GLU A 45 -9.40 0.72 13.44
N LYS A 46 -10.16 0.69 12.37
CA LYS A 46 -11.64 0.53 12.50
C LYS A 46 -11.95 -0.84 13.14
N THR A 47 -11.88 -1.91 12.37
CA THR A 47 -12.18 -3.26 12.94
C THR A 47 -11.60 -4.35 12.02
N GLY A 48 -10.41 -4.14 11.50
CA GLY A 48 -9.80 -5.15 10.60
C GLY A 48 -10.55 -5.17 9.26
N GLN A 49 -10.48 -4.11 8.51
CA GLN A 49 -11.19 -4.06 7.19
C GLN A 49 -10.33 -4.65 6.07
N GLU A 50 -9.02 -4.69 6.23
CA GLU A 50 -8.08 -5.25 5.19
C GLU A 50 -8.57 -5.01 3.75
N TYR A 51 -8.16 -3.93 3.15
CA TYR A 51 -8.61 -3.63 1.75
C TYR A 51 -8.26 -4.78 0.79
N LYS A 52 -9.16 -5.13 -0.08
CA LYS A 52 -8.89 -6.23 -1.05
C LYS A 52 -7.76 -5.83 -1.99
N PRO A 53 -7.20 -6.77 -2.72
CA PRO A 53 -6.09 -6.45 -3.64
C PRO A 53 -6.51 -5.46 -4.71
N GLY A 54 -7.75 -5.53 -5.17
CA GLY A 54 -8.20 -4.55 -6.19
C GLY A 54 -8.56 -3.20 -5.53
N ASN A 55 -8.48 -3.10 -4.22
CA ASN A 55 -8.82 -1.81 -3.53
C ASN A 55 -10.17 -1.24 -4.01
N PRO A 56 -11.20 -2.06 -4.01
CA PRO A 56 -12.54 -1.59 -4.46
C PRO A 56 -13.15 -0.62 -3.45
N PRO A 57 -13.97 0.30 -3.93
CA PRO A 57 -14.61 1.29 -3.04
C PRO A 57 -15.65 0.59 -2.14
N ASP A 1 -16.00 8.34 1.64
CA ASP A 1 -16.01 7.44 0.46
C ASP A 1 -15.03 6.30 0.66
N SER A 2 -15.52 5.11 0.90
CA SER A 2 -14.63 3.94 1.11
C SER A 2 -13.88 3.59 -0.19
N LEU A 3 -14.55 3.67 -1.31
CA LEU A 3 -13.90 3.30 -2.61
C LEU A 3 -12.69 4.18 -2.93
N VAL A 4 -12.85 5.49 -2.88
CA VAL A 4 -11.68 6.39 -3.21
C VAL A 4 -10.51 6.09 -2.29
N LEU A 5 -10.79 5.85 -1.04
CA LEU A 5 -9.71 5.54 -0.05
C LEU A 5 -8.93 4.30 -0.52
N TYR A 6 -9.63 3.32 -1.05
CA TYR A 6 -8.95 2.09 -1.55
C TYR A 6 -7.95 2.45 -2.66
N ASN A 7 -8.29 3.40 -3.50
CA ASN A 7 -7.37 3.79 -4.61
C ASN A 7 -6.04 4.31 -4.03
N ARG A 8 -6.12 5.06 -2.97
CA ARG A 8 -4.88 5.62 -2.34
C ARG A 8 -3.95 4.49 -1.88
N VAL A 9 -4.48 3.52 -1.16
CA VAL A 9 -3.61 2.40 -0.68
C VAL A 9 -3.14 1.58 -1.88
N ALA A 10 -4.00 1.36 -2.84
CA ALA A 10 -3.62 0.59 -4.07
C ALA A 10 -2.45 1.27 -4.79
N VAL A 11 -2.47 2.58 -4.82
CA VAL A 11 -1.37 3.34 -5.51
C VAL A 11 -0.02 2.99 -4.89
N GLN A 12 0.09 3.07 -3.58
CA GLN A 12 1.39 2.73 -2.92
C GLN A 12 1.75 1.26 -3.18
N GLY A 13 0.86 0.35 -2.83
CA GLY A 13 1.11 -1.13 -3.00
C GLY A 13 1.88 -1.41 -4.30
N ASP A 14 1.39 -0.90 -5.40
CA ASP A 14 2.06 -1.10 -6.72
C ASP A 14 3.47 -0.49 -6.73
N VAL A 15 3.66 0.64 -6.11
CA VAL A 15 5.01 1.29 -6.11
C VAL A 15 6.03 0.33 -5.47
N VAL A 16 5.66 -0.35 -4.42
CA VAL A 16 6.60 -1.32 -3.78
C VAL A 16 6.99 -2.40 -4.81
N ARG A 17 6.00 -2.98 -5.46
CA ARG A 17 6.28 -4.05 -6.47
C ARG A 17 7.15 -3.49 -7.60
N GLU A 18 6.86 -2.30 -8.07
CA GLU A 18 7.67 -1.69 -9.18
C GLU A 18 9.13 -1.52 -8.76
N LEU A 19 9.36 -1.12 -7.55
CA LEU A 19 10.77 -0.92 -7.09
C LEU A 19 11.59 -2.20 -7.21
N LYS A 20 11.01 -3.33 -6.86
CA LYS A 20 11.76 -4.61 -6.96
C LYS A 20 12.03 -4.92 -8.43
N ALA A 21 11.07 -4.65 -9.27
CA ALA A 21 11.28 -4.89 -10.73
C ALA A 21 12.33 -3.87 -11.22
N LYS A 22 12.41 -2.73 -10.56
CA LYS A 22 13.41 -1.70 -10.97
C LYS A 22 14.76 -1.97 -10.30
N LYS A 23 14.94 -3.10 -9.64
CA LYS A 23 16.25 -3.41 -8.97
C LYS A 23 16.60 -2.35 -7.93
N ALA A 24 15.61 -1.67 -7.43
CA ALA A 24 15.86 -0.60 -6.41
C ALA A 24 16.51 -1.21 -5.15
N PRO A 25 17.18 -0.38 -4.38
CA PRO A 25 17.85 -0.85 -3.15
C PRO A 25 16.82 -1.17 -2.07
N LYS A 26 17.24 -1.84 -1.03
CA LYS A 26 16.30 -2.18 0.09
C LYS A 26 15.68 -0.90 0.64
N GLU A 27 16.40 0.20 0.60
CA GLU A 27 15.86 1.50 1.11
C GLU A 27 14.59 1.89 0.34
N ASP A 28 14.56 1.68 -0.95
CA ASP A 28 13.34 2.05 -1.74
C ASP A 28 12.20 1.10 -1.40
N VAL A 29 12.49 -0.17 -1.29
CA VAL A 29 11.43 -1.16 -0.96
C VAL A 29 10.94 -0.94 0.49
N ASP A 30 11.86 -0.82 1.40
CA ASP A 30 11.47 -0.61 2.84
C ASP A 30 10.66 0.68 3.01
N ALA A 31 11.11 1.76 2.43
CA ALA A 31 10.37 3.06 2.57
C ALA A 31 8.97 2.94 1.98
N ALA A 32 8.83 2.40 0.80
CA ALA A 32 7.48 2.28 0.18
C ALA A 32 6.62 1.32 1.00
N VAL A 33 7.16 0.19 1.40
CA VAL A 33 6.35 -0.77 2.23
C VAL A 33 6.03 -0.09 3.56
N LYS A 34 6.97 0.66 4.10
CA LYS A 34 6.69 1.40 5.38
C LYS A 34 5.53 2.35 5.12
N GLN A 35 5.58 3.06 4.02
CA GLN A 35 4.48 4.00 3.65
C GLN A 35 3.20 3.19 3.44
N LEU A 36 3.34 2.09 2.76
CA LEU A 36 2.17 1.20 2.50
C LEU A 36 1.55 0.72 3.82
N LEU A 37 2.37 0.36 4.77
CA LEU A 37 1.84 -0.11 6.09
C LEU A 37 1.01 0.99 6.74
N SER A 38 1.44 2.23 6.63
CA SER A 38 0.65 3.36 7.24
C SER A 38 -0.75 3.39 6.63
N LEU A 39 -0.85 3.11 5.35
CA LEU A 39 -2.18 3.09 4.68
C LEU A 39 -3.04 2.00 5.32
N LYS A 40 -2.51 0.81 5.39
CA LYS A 40 -3.24 -0.32 6.04
C LYS A 40 -3.47 0.02 7.51
N ALA A 41 -2.52 0.65 8.14
CA ALA A 41 -2.68 1.01 9.58
C ALA A 41 -3.88 1.92 9.75
N GLU A 42 -4.07 2.89 8.88
CA GLU A 42 -5.27 3.77 8.99
C GLU A 42 -6.52 2.91 8.88
N TYR A 43 -6.52 2.02 7.92
CA TYR A 43 -7.68 1.10 7.73
C TYR A 43 -7.89 0.25 9.00
N LYS A 44 -6.82 -0.25 9.56
CA LYS A 44 -6.92 -1.10 10.79
C LYS A 44 -7.56 -0.34 11.96
N GLU A 45 -7.41 0.95 12.01
CA GLU A 45 -7.99 1.73 13.16
C GLU A 45 -9.49 1.49 13.29
N LYS A 46 -10.20 1.41 12.19
CA LYS A 46 -11.67 1.17 12.28
C LYS A 46 -11.98 -0.24 12.80
N THR A 47 -11.60 -1.25 12.06
CA THR A 47 -11.86 -2.65 12.52
C THR A 47 -11.04 -3.67 11.69
N GLY A 48 -9.86 -3.30 11.25
CA GLY A 48 -9.03 -4.23 10.43
C GLY A 48 -9.62 -4.38 9.03
N GLN A 49 -9.53 -3.36 8.22
CA GLN A 49 -10.09 -3.43 6.83
C GLN A 49 -9.05 -4.04 5.87
N GLU A 50 -7.78 -3.87 6.19
CA GLU A 50 -6.65 -4.39 5.33
C GLU A 50 -6.91 -4.25 3.82
N TYR A 51 -6.12 -3.45 3.17
CA TYR A 51 -6.30 -3.24 1.69
C TYR A 51 -6.25 -4.59 0.94
N LYS A 52 -7.20 -4.80 0.07
CA LYS A 52 -7.22 -6.07 -0.72
C LYS A 52 -6.07 -6.06 -1.73
N PRO A 53 -5.62 -7.23 -2.14
CA PRO A 53 -4.50 -7.32 -3.09
C PRO A 53 -4.97 -7.09 -4.53
N GLY A 54 -6.24 -7.27 -4.81
CA GLY A 54 -6.74 -7.05 -6.20
C GLY A 54 -7.08 -5.58 -6.49
N ASN A 55 -6.39 -4.64 -5.88
CA ASN A 55 -6.69 -3.18 -6.16
C ASN A 55 -8.19 -2.90 -5.86
N PRO A 56 -8.61 -1.65 -6.06
CA PRO A 56 -10.03 -1.30 -5.81
C PRO A 56 -10.91 -1.95 -6.90
N PRO A 57 -12.14 -2.27 -6.54
CA PRO A 57 -13.06 -2.90 -7.53
C PRO A 57 -13.44 -1.90 -8.63
N ASP A 1 -15.97 7.55 -0.50
CA ASP A 1 -14.92 7.57 0.58
C ASP A 1 -14.17 6.24 0.61
N SER A 2 -14.88 5.15 0.54
CA SER A 2 -14.22 3.81 0.58
C SER A 2 -13.34 3.61 -0.66
N LEU A 3 -13.85 3.91 -1.83
CA LEU A 3 -13.05 3.73 -3.08
C LEU A 3 -11.84 4.66 -3.09
N VAL A 4 -12.05 5.93 -2.88
CA VAL A 4 -10.90 6.89 -2.91
C VAL A 4 -9.86 6.54 -1.84
N LEU A 5 -10.29 6.25 -0.64
CA LEU A 5 -9.31 5.86 0.43
C LEU A 5 -8.59 4.59 0.02
N TYR A 6 -9.31 3.66 -0.57
CA TYR A 6 -8.68 2.39 -1.04
C TYR A 6 -7.58 2.71 -2.05
N ASN A 7 -7.84 3.67 -2.92
CA ASN A 7 -6.81 4.05 -3.94
C ASN A 7 -5.53 4.54 -3.24
N ARG A 8 -5.67 5.28 -2.17
CA ARG A 8 -4.45 5.81 -1.46
C ARG A 8 -3.56 4.66 -1.00
N VAL A 9 -4.10 3.68 -0.33
CA VAL A 9 -3.27 2.52 0.10
C VAL A 9 -2.83 1.74 -1.14
N ALA A 10 -3.71 1.61 -2.11
CA ALA A 10 -3.37 0.89 -3.36
C ALA A 10 -2.19 1.55 -4.07
N VAL A 11 -2.14 2.87 -4.04
CA VAL A 11 -1.03 3.60 -4.74
C VAL A 11 0.33 3.19 -4.16
N GLN A 12 0.50 3.22 -2.86
CA GLN A 12 1.82 2.81 -2.28
C GLN A 12 2.12 1.36 -2.63
N GLY A 13 1.17 0.48 -2.40
CA GLY A 13 1.37 -0.99 -2.68
C GLY A 13 2.03 -1.17 -4.05
N ASP A 14 1.50 -0.51 -5.05
CA ASP A 14 2.06 -0.58 -6.42
C ASP A 14 3.48 -0.01 -6.47
N VAL A 15 3.74 1.03 -5.70
CA VAL A 15 5.10 1.65 -5.72
C VAL A 15 6.16 0.60 -5.32
N VAL A 16 5.85 -0.24 -4.36
CA VAL A 16 6.84 -1.29 -3.95
C VAL A 16 7.11 -2.18 -5.18
N ARG A 17 6.07 -2.65 -5.81
CA ARG A 17 6.24 -3.51 -7.02
C ARG A 17 7.01 -2.74 -8.11
N GLU A 18 6.64 -1.51 -8.34
CA GLU A 18 7.32 -0.70 -9.40
C GLU A 18 8.82 -0.53 -9.09
N LEU A 19 9.15 -0.32 -7.84
CA LEU A 19 10.60 -0.14 -7.48
C LEU A 19 11.40 -1.39 -7.85
N LYS A 20 10.84 -2.56 -7.64
CA LYS A 20 11.57 -3.82 -7.98
C LYS A 20 11.81 -3.86 -9.47
N ALA A 21 10.83 -3.45 -10.24
CA ALA A 21 11.00 -3.41 -11.72
C ALA A 21 12.12 -2.42 -12.06
N LYS A 22 12.32 -1.44 -11.20
CA LYS A 22 13.40 -0.44 -11.44
C LYS A 22 14.75 -0.95 -10.90
N LYS A 23 14.82 -2.21 -10.49
CA LYS A 23 16.11 -2.78 -9.95
C LYS A 23 16.57 -1.99 -8.72
N ALA A 24 15.69 -1.27 -8.11
CA ALA A 24 16.08 -0.46 -6.91
C ALA A 24 16.58 -1.39 -5.79
N PRO A 25 17.40 -0.86 -4.91
CA PRO A 25 17.94 -1.67 -3.80
C PRO A 25 16.83 -2.03 -2.80
N LYS A 26 17.04 -3.04 -2.01
CA LYS A 26 16.01 -3.45 -1.01
C LYS A 26 15.61 -2.27 -0.11
N GLU A 27 16.51 -1.33 0.06
CA GLU A 27 16.21 -0.15 0.93
C GLU A 27 15.00 0.62 0.40
N ASP A 28 14.88 0.77 -0.89
CA ASP A 28 13.72 1.53 -1.47
C ASP A 28 12.42 0.74 -1.30
N VAL A 29 12.45 -0.54 -1.55
CA VAL A 29 11.21 -1.37 -1.40
C VAL A 29 10.80 -1.46 0.08
N ASP A 30 11.75 -1.68 0.95
CA ASP A 30 11.42 -1.80 2.41
C ASP A 30 10.76 -0.53 2.94
N ALA A 31 11.28 0.61 2.58
CA ALA A 31 10.70 1.90 3.08
C ALA A 31 9.25 2.06 2.61
N ALA A 32 9.01 1.83 1.35
CA ALA A 32 7.61 1.98 0.82
C ALA A 32 6.68 0.96 1.47
N VAL A 33 7.13 -0.26 1.65
CA VAL A 33 6.25 -1.29 2.28
C VAL A 33 6.02 -0.91 3.75
N LYS A 34 7.05 -0.43 4.43
CA LYS A 34 6.86 0.00 5.86
C LYS A 34 5.82 1.12 5.88
N GLN A 35 5.91 2.01 4.92
CA GLN A 35 4.93 3.13 4.82
C GLN A 35 3.54 2.53 4.58
N LEU A 36 3.48 1.49 3.78
CA LEU A 36 2.18 0.82 3.47
C LEU A 36 1.54 0.32 4.77
N LEU A 37 2.32 -0.20 5.70
CA LEU A 37 1.73 -0.67 6.99
C LEU A 37 0.99 0.49 7.65
N SER A 38 1.55 1.67 7.56
CA SER A 38 0.87 2.87 8.14
C SER A 38 -0.50 3.04 7.46
N LEU A 39 -0.55 2.81 6.17
CA LEU A 39 -1.84 2.93 5.43
C LEU A 39 -2.82 1.88 5.95
N LYS A 40 -2.32 0.70 6.21
CA LYS A 40 -3.19 -0.41 6.73
C LYS A 40 -3.83 0.03 8.05
N ALA A 41 -3.09 0.75 8.87
CA ALA A 41 -3.65 1.21 10.18
C ALA A 41 -4.88 2.09 9.93
N GLU A 42 -4.85 2.93 8.94
CA GLU A 42 -6.04 3.79 8.64
C GLU A 42 -7.22 2.92 8.21
N TYR A 43 -6.96 1.93 7.39
CA TYR A 43 -8.05 1.02 6.90
C TYR A 43 -8.74 0.30 8.07
N LYS A 44 -7.98 -0.26 8.97
CA LYS A 44 -8.60 -1.04 10.10
C LYS A 44 -9.62 -0.19 10.88
N GLU A 45 -9.45 1.11 10.92
CA GLU A 45 -10.43 1.96 11.65
C GLU A 45 -11.83 1.82 11.06
N LYS A 46 -11.92 1.75 9.75
CA LYS A 46 -13.26 1.63 9.10
C LYS A 46 -13.98 0.33 9.49
N THR A 47 -13.36 -0.82 9.34
CA THR A 47 -14.07 -2.10 9.68
C THR A 47 -13.10 -3.24 10.02
N GLY A 48 -12.41 -3.77 9.04
CA GLY A 48 -11.49 -4.92 9.32
C GLY A 48 -10.10 -4.49 9.77
N GLN A 49 -9.11 -4.76 8.94
CA GLN A 49 -7.71 -4.45 9.31
C GLN A 49 -6.88 -3.92 8.14
N GLU A 50 -7.18 -4.33 6.93
CA GLU A 50 -6.37 -3.87 5.76
C GLU A 50 -7.16 -4.00 4.45
N TYR A 51 -6.81 -3.21 3.46
CA TYR A 51 -7.51 -3.27 2.14
C TYR A 51 -7.27 -4.63 1.47
N LYS A 52 -8.21 -5.09 0.68
CA LYS A 52 -8.05 -6.41 0.00
C LYS A 52 -6.84 -6.37 -0.96
N PRO A 53 -6.18 -7.50 -1.13
CA PRO A 53 -5.00 -7.54 -2.02
C PRO A 53 -5.37 -7.57 -3.52
N GLY A 54 -6.63 -7.36 -3.87
CA GLY A 54 -7.01 -7.37 -5.32
C GLY A 54 -6.78 -6.00 -5.98
N ASN A 55 -5.96 -5.14 -5.41
CA ASN A 55 -5.70 -3.80 -6.03
C ASN A 55 -7.01 -3.01 -6.19
N PRO A 56 -6.89 -1.77 -6.63
CA PRO A 56 -8.10 -0.90 -6.81
C PRO A 56 -8.94 -1.38 -8.00
N PRO A 57 -10.24 -1.15 -7.93
CA PRO A 57 -11.14 -1.58 -9.02
C PRO A 57 -10.88 -0.76 -10.29
N ASP A 1 -14.65 8.64 0.65
CA ASP A 1 -15.33 7.41 1.17
C ASP A 1 -14.32 6.26 1.30
N SER A 2 -14.81 5.07 1.52
CA SER A 2 -13.90 3.89 1.67
C SER A 2 -13.07 3.70 0.40
N LEU A 3 -13.69 3.87 -0.74
CA LEU A 3 -12.95 3.67 -2.03
C LEU A 3 -11.76 4.64 -2.11
N VAL A 4 -11.93 5.88 -1.70
CA VAL A 4 -10.79 6.85 -1.76
C VAL A 4 -9.63 6.32 -0.90
N LEU A 5 -9.92 5.94 0.31
CA LEU A 5 -8.85 5.40 1.21
C LEU A 5 -8.23 4.15 0.58
N TYR A 6 -9.04 3.33 -0.05
CA TYR A 6 -8.50 2.08 -0.69
C TYR A 6 -7.45 2.44 -1.75
N ASN A 7 -7.69 3.48 -2.50
CA ASN A 7 -6.71 3.89 -3.55
C ASN A 7 -5.36 4.22 -2.90
N ARG A 8 -5.37 4.87 -1.76
CA ARG A 8 -4.08 5.23 -1.09
C ARG A 8 -3.27 3.98 -0.77
N VAL A 9 -3.86 3.01 -0.13
CA VAL A 9 -3.11 1.75 0.20
C VAL A 9 -2.82 0.97 -1.09
N ALA A 10 -3.79 0.89 -1.98
CA ALA A 10 -3.59 0.16 -3.27
C ALA A 10 -2.45 0.77 -4.09
N VAL A 11 -2.46 2.07 -4.23
CA VAL A 11 -1.40 2.75 -5.05
C VAL A 11 0.00 2.47 -4.48
N GLN A 12 0.18 2.63 -3.19
CA GLN A 12 1.53 2.37 -2.58
C GLN A 12 1.91 0.90 -2.79
N GLY A 13 1.05 0.00 -2.34
CA GLY A 13 1.31 -1.49 -2.43
C GLY A 13 1.96 -1.86 -3.78
N ASP A 14 1.33 -1.48 -4.85
CA ASP A 14 1.87 -1.81 -6.22
C ASP A 14 3.21 -1.12 -6.46
N VAL A 15 3.37 0.10 -5.99
CA VAL A 15 4.65 0.83 -6.23
C VAL A 15 5.81 0.04 -5.61
N VAL A 16 5.62 -0.53 -4.45
CA VAL A 16 6.72 -1.34 -3.82
C VAL A 16 7.07 -2.49 -4.77
N ARG A 17 6.09 -3.23 -5.21
CA ARG A 17 6.36 -4.35 -6.16
C ARG A 17 6.99 -3.82 -7.45
N GLU A 18 6.52 -2.69 -7.93
CA GLU A 18 7.07 -2.11 -9.19
C GLU A 18 8.56 -1.81 -9.03
N LEU A 19 8.92 -1.21 -7.92
CA LEU A 19 10.36 -0.89 -7.68
C LEU A 19 11.21 -2.17 -7.70
N LYS A 20 10.70 -3.22 -7.13
CA LYS A 20 11.44 -4.51 -7.11
C LYS A 20 11.63 -5.01 -8.54
N ALA A 21 10.62 -4.85 -9.34
CA ALA A 21 10.74 -5.26 -10.77
C ALA A 21 11.77 -4.36 -11.44
N LYS A 22 11.92 -3.14 -10.94
CA LYS A 22 12.92 -2.20 -11.51
C LYS A 22 14.31 -2.41 -10.89
N LYS A 23 14.49 -3.46 -10.11
CA LYS A 23 15.82 -3.74 -9.44
C LYS A 23 16.23 -2.57 -8.54
N ALA A 24 15.27 -1.79 -8.11
CA ALA A 24 15.60 -0.62 -7.22
C ALA A 24 16.28 -1.11 -5.93
N PRO A 25 16.95 -0.20 -5.25
CA PRO A 25 17.64 -0.57 -3.99
C PRO A 25 16.62 -0.81 -2.88
N LYS A 26 16.99 -1.55 -1.86
CA LYS A 26 16.03 -1.83 -0.74
C LYS A 26 15.51 -0.51 -0.15
N GLU A 27 16.28 0.54 -0.24
CA GLU A 27 15.83 1.85 0.31
C GLU A 27 14.52 2.30 -0.37
N ASP A 28 14.41 2.12 -1.66
CA ASP A 28 13.17 2.53 -2.37
C ASP A 28 12.01 1.59 -1.99
N VAL A 29 12.28 0.32 -1.94
CA VAL A 29 11.20 -0.66 -1.59
C VAL A 29 10.80 -0.51 -0.12
N ASP A 30 11.75 -0.48 0.78
CA ASP A 30 11.42 -0.36 2.24
C ASP A 30 10.65 0.94 2.52
N ALA A 31 11.06 2.04 1.95
CA ALA A 31 10.36 3.34 2.20
C ALA A 31 8.90 3.25 1.76
N ALA A 32 8.67 2.79 0.56
CA ALA A 32 7.26 2.69 0.05
C ALA A 32 6.47 1.66 0.87
N VAL A 33 7.07 0.54 1.19
CA VAL A 33 6.35 -0.49 1.99
C VAL A 33 6.08 0.09 3.38
N LYS A 34 7.03 0.84 3.93
CA LYS A 34 6.79 1.47 5.27
C LYS A 34 5.60 2.41 5.17
N GLN A 35 5.52 3.14 4.09
CA GLN A 35 4.37 4.08 3.88
C GLN A 35 3.10 3.23 3.76
N LEU A 36 3.19 2.15 3.04
CA LEU A 36 2.02 1.24 2.85
C LEU A 36 1.55 0.71 4.20
N LEU A 37 2.47 0.36 5.07
CA LEU A 37 2.06 -0.16 6.42
C LEU A 37 1.23 0.90 7.16
N SER A 38 1.61 2.15 7.06
CA SER A 38 0.82 3.23 7.72
C SER A 38 -0.60 3.23 7.16
N LEU A 39 -0.75 3.03 5.87
CA LEU A 39 -2.10 3.00 5.25
C LEU A 39 -2.87 1.79 5.82
N LYS A 40 -2.22 0.66 5.85
CA LYS A 40 -2.86 -0.59 6.40
C LYS A 40 -3.26 -0.38 7.86
N ALA A 41 -2.41 0.26 8.63
CA ALA A 41 -2.73 0.50 10.07
C ALA A 41 -3.98 1.37 10.21
N GLU A 42 -4.09 2.38 9.38
CA GLU A 42 -5.29 3.27 9.44
C GLU A 42 -6.55 2.50 9.05
N TYR A 43 -6.45 1.66 8.05
CA TYR A 43 -7.63 0.86 7.62
C TYR A 43 -8.13 -0.01 8.78
N LYS A 44 -7.23 -0.64 9.48
CA LYS A 44 -7.62 -1.53 10.62
C LYS A 44 -8.30 -0.74 11.74
N GLU A 45 -8.00 0.53 11.89
CA GLU A 45 -8.63 1.32 12.99
C GLU A 45 -10.16 1.25 12.92
N LYS A 46 -10.72 1.28 11.74
CA LYS A 46 -12.20 1.22 11.61
C LYS A 46 -12.73 -0.11 12.16
N THR A 47 -12.27 -1.21 11.63
CA THR A 47 -12.73 -2.55 12.14
C THR A 47 -11.76 -3.65 11.70
N GLY A 48 -10.50 -3.31 11.54
CA GLY A 48 -9.50 -4.34 11.12
C GLY A 48 -9.70 -4.71 9.65
N GLN A 49 -9.83 -3.74 8.79
CA GLN A 49 -10.02 -4.05 7.33
C GLN A 49 -8.68 -4.24 6.62
N GLU A 50 -7.57 -3.90 7.28
CA GLU A 50 -6.19 -4.05 6.67
C GLU A 50 -6.17 -3.76 5.17
N TYR A 51 -5.18 -4.27 4.45
CA TYR A 51 -5.12 -4.01 2.98
C TYR A 51 -6.29 -4.73 2.28
N LYS A 52 -7.18 -3.98 1.67
CA LYS A 52 -8.32 -4.62 0.96
C LYS A 52 -7.80 -5.34 -0.30
N PRO A 53 -8.28 -6.55 -0.54
CA PRO A 53 -7.83 -7.30 -1.72
C PRO A 53 -8.57 -6.86 -3.00
N GLY A 54 -8.44 -7.63 -4.05
CA GLY A 54 -9.14 -7.29 -5.33
C GLY A 54 -8.44 -6.14 -6.08
N ASN A 55 -7.31 -5.67 -5.60
CA ASN A 55 -6.57 -4.55 -6.29
C ASN A 55 -7.48 -3.32 -6.48
N PRO A 56 -6.88 -2.19 -6.81
CA PRO A 56 -7.68 -0.94 -7.00
C PRO A 56 -8.54 -1.01 -8.27
N PRO A 57 -9.67 -0.33 -8.24
CA PRO A 57 -10.58 -0.35 -9.42
C PRO A 57 -9.98 0.49 -10.55
N ASP A 1 -17.95 7.44 0.49
CA ASP A 1 -17.13 6.88 -0.63
C ASP A 1 -15.83 6.28 -0.09
N SER A 2 -15.89 5.07 0.41
CA SER A 2 -14.66 4.40 0.94
C SER A 2 -13.69 4.04 -0.19
N LEU A 3 -14.11 4.16 -1.43
CA LEU A 3 -13.21 3.80 -2.57
C LEU A 3 -11.93 4.66 -2.57
N VAL A 4 -12.06 5.94 -2.32
CA VAL A 4 -10.85 6.82 -2.32
C VAL A 4 -9.79 6.28 -1.35
N LEU A 5 -10.20 5.86 -0.18
CA LEU A 5 -9.23 5.29 0.81
C LEU A 5 -8.56 4.05 0.22
N TYR A 6 -9.31 3.24 -0.47
CA TYR A 6 -8.75 2.00 -1.08
C TYR A 6 -7.64 2.37 -2.06
N ASN A 7 -7.82 3.42 -2.81
CA ASN A 7 -6.78 3.85 -3.79
C ASN A 7 -5.46 4.15 -3.07
N ARG A 8 -5.54 4.77 -1.91
CA ARG A 8 -4.29 5.10 -1.16
C ARG A 8 -3.49 3.84 -0.83
N VAL A 9 -4.13 2.83 -0.27
CA VAL A 9 -3.38 1.57 0.04
C VAL A 9 -2.97 0.91 -1.29
N ALA A 10 -3.85 0.93 -2.26
CA ALA A 10 -3.56 0.34 -3.60
C ALA A 10 -2.37 1.05 -4.27
N VAL A 11 -2.29 2.35 -4.16
CA VAL A 11 -1.19 3.10 -4.83
C VAL A 11 0.19 2.63 -4.34
N GLN A 12 0.41 2.60 -3.05
CA GLN A 12 1.75 2.18 -2.54
C GLN A 12 2.06 0.75 -2.98
N GLY A 13 1.11 -0.16 -2.82
CA GLY A 13 1.30 -1.60 -3.19
C GLY A 13 2.05 -1.71 -4.53
N ASP A 14 1.56 -1.03 -5.52
CA ASP A 14 2.19 -1.04 -6.87
C ASP A 14 3.57 -0.37 -6.83
N VAL A 15 3.72 0.68 -6.06
CA VAL A 15 5.05 1.38 -6.01
C VAL A 15 6.13 0.40 -5.53
N VAL A 16 5.82 -0.42 -4.56
CA VAL A 16 6.83 -1.40 -4.07
C VAL A 16 7.25 -2.33 -5.23
N ARG A 17 6.28 -2.87 -5.93
CA ARG A 17 6.61 -3.77 -7.09
C ARG A 17 7.41 -3.01 -8.16
N GLU A 18 7.01 -1.79 -8.46
CA GLU A 18 7.72 -0.99 -9.50
C GLU A 18 9.18 -0.75 -9.12
N LEU A 19 9.42 -0.40 -7.88
CA LEU A 19 10.81 -0.12 -7.42
C LEU A 19 11.68 -1.37 -7.59
N LYS A 20 11.14 -2.52 -7.30
CA LYS A 20 11.89 -3.79 -7.43
C LYS A 20 12.22 -4.05 -8.89
N ALA A 21 11.27 -3.77 -9.76
CA ALA A 21 11.52 -3.97 -11.22
C ALA A 21 12.71 -3.11 -11.65
N LYS A 22 12.93 -2.01 -10.95
CA LYS A 22 14.09 -1.14 -11.31
C LYS A 22 15.37 -1.61 -10.59
N LYS A 23 15.35 -2.77 -9.97
CA LYS A 23 16.56 -3.29 -9.24
C LYS A 23 17.00 -2.32 -8.16
N ALA A 24 16.12 -1.47 -7.70
CA ALA A 24 16.48 -0.49 -6.63
C ALA A 24 16.97 -1.22 -5.38
N PRO A 25 17.68 -0.53 -4.53
CA PRO A 25 18.21 -1.17 -3.29
C PRO A 25 17.07 -1.38 -2.30
N LYS A 26 17.31 -2.15 -1.27
CA LYS A 26 16.25 -2.36 -0.23
C LYS A 26 15.74 -1.02 0.30
N GLU A 27 16.54 0.02 0.18
CA GLU A 27 16.12 1.37 0.67
C GLU A 27 14.78 1.78 0.04
N ASP A 28 14.64 1.60 -1.25
CA ASP A 28 13.37 1.98 -1.94
C ASP A 28 12.25 1.00 -1.58
N VAL A 29 12.54 -0.27 -1.52
CA VAL A 29 11.48 -1.27 -1.19
C VAL A 29 11.03 -1.11 0.27
N ASP A 30 11.97 -1.01 1.18
CA ASP A 30 11.60 -0.86 2.62
C ASP A 30 10.78 0.40 2.85
N ALA A 31 11.19 1.51 2.29
CA ALA A 31 10.44 2.78 2.48
C ALA A 31 9.03 2.66 1.89
N ALA A 32 8.94 2.21 0.67
CA ALA A 32 7.59 2.07 0.02
C ALA A 32 6.75 1.04 0.76
N VAL A 33 7.34 -0.08 1.13
CA VAL A 33 6.56 -1.12 1.87
C VAL A 33 6.19 -0.57 3.25
N LYS A 34 7.09 0.17 3.85
CA LYS A 34 6.80 0.77 5.19
C LYS A 34 5.59 1.70 5.05
N GLN A 35 5.51 2.40 3.95
CA GLN A 35 4.37 3.33 3.71
C GLN A 35 3.06 2.56 3.73
N LEU A 36 3.03 1.39 3.13
CA LEU A 36 1.79 0.56 3.13
C LEU A 36 1.35 0.24 4.55
N LEU A 37 2.28 -0.05 5.42
CA LEU A 37 1.90 -0.40 6.83
C LEU A 37 1.11 0.76 7.45
N SER A 38 1.52 1.98 7.20
CA SER A 38 0.78 3.14 7.76
C SER A 38 -0.65 3.16 7.21
N LEU A 39 -0.80 2.85 5.94
CA LEU A 39 -2.16 2.84 5.33
C LEU A 39 -2.99 1.71 5.94
N LYS A 40 -2.45 0.52 5.95
CA LYS A 40 -3.18 -0.63 6.55
C LYS A 40 -3.44 -0.37 8.02
N ALA A 41 -2.49 0.20 8.71
CA ALA A 41 -2.65 0.49 10.16
C ALA A 41 -3.84 1.42 10.41
N GLU A 42 -4.00 2.45 9.60
CA GLU A 42 -5.14 3.39 9.83
C GLU A 42 -6.48 2.71 9.49
N TYR A 43 -6.53 1.98 8.41
CA TYR A 43 -7.81 1.30 8.00
C TYR A 43 -8.27 0.28 9.06
N LYS A 44 -7.40 -0.59 9.49
CA LYS A 44 -7.81 -1.65 10.49
C LYS A 44 -8.35 -1.02 11.78
N GLU A 45 -7.98 0.20 12.06
CA GLU A 45 -8.47 0.85 13.31
C GLU A 45 -10.00 0.95 13.32
N LYS A 46 -10.60 1.26 12.19
CA LYS A 46 -12.10 1.35 12.17
C LYS A 46 -12.73 -0.03 12.37
N THR A 47 -12.46 -0.98 11.51
CA THR A 47 -13.05 -2.35 11.66
C THR A 47 -12.27 -3.42 10.89
N GLY A 48 -10.97 -3.42 10.96
CA GLY A 48 -10.18 -4.44 10.19
C GLY A 48 -10.37 -4.19 8.70
N GLN A 49 -10.34 -2.96 8.30
CA GLN A 49 -10.53 -2.61 6.86
C GLN A 49 -9.20 -2.42 6.15
N GLU A 50 -8.18 -3.09 6.62
CA GLU A 50 -6.82 -2.97 6.00
C GLU A 50 -6.88 -3.22 4.48
N TYR A 51 -5.76 -3.10 3.81
CA TYR A 51 -5.75 -3.29 2.32
C TYR A 51 -6.34 -4.65 1.91
N LYS A 52 -7.56 -4.63 1.43
CA LYS A 52 -8.20 -5.90 0.97
C LYS A 52 -7.52 -6.38 -0.32
N PRO A 53 -7.59 -7.67 -0.59
CA PRO A 53 -6.94 -8.21 -1.81
C PRO A 53 -7.77 -7.90 -3.07
N GLY A 54 -7.34 -8.41 -4.20
CA GLY A 54 -8.07 -8.16 -5.48
C GLY A 54 -7.84 -6.73 -5.98
N ASN A 55 -7.00 -5.95 -5.32
CA ASN A 55 -6.73 -4.55 -5.78
C ASN A 55 -8.05 -3.75 -5.90
N PRO A 56 -7.93 -2.47 -6.19
CA PRO A 56 -9.14 -1.61 -6.34
C PRO A 56 -9.89 -1.98 -7.63
N PRO A 57 -11.19 -1.80 -7.62
CA PRO A 57 -12.02 -2.13 -8.81
C PRO A 57 -11.70 -1.16 -9.96
N ASP A 1 -14.79 9.64 -0.73
CA ASP A 1 -15.66 8.46 -1.02
C ASP A 1 -14.94 7.16 -0.65
N SER A 2 -15.67 6.09 -0.49
CA SER A 2 -15.05 4.79 -0.12
C SER A 2 -14.08 4.33 -1.22
N LEU A 3 -14.43 4.53 -2.47
CA LEU A 3 -13.53 4.09 -3.58
C LEU A 3 -12.21 4.86 -3.50
N VAL A 4 -12.28 6.13 -3.21
CA VAL A 4 -11.04 6.96 -3.13
C VAL A 4 -10.09 6.41 -2.06
N LEU A 5 -10.61 5.99 -0.93
CA LEU A 5 -9.72 5.44 0.15
C LEU A 5 -8.97 4.22 -0.38
N TYR A 6 -9.64 3.36 -1.08
CA TYR A 6 -8.96 2.14 -1.65
C TYR A 6 -7.83 2.58 -2.59
N ASN A 7 -8.07 3.62 -3.36
CA ASN A 7 -7.03 4.09 -4.31
C ASN A 7 -5.76 4.52 -3.55
N ARG A 8 -5.91 5.20 -2.43
CA ARG A 8 -4.70 5.66 -1.66
C ARG A 8 -3.84 4.46 -1.22
N VAL A 9 -4.43 3.47 -0.61
CA VAL A 9 -3.62 2.29 -0.19
C VAL A 9 -3.20 1.52 -1.44
N ALA A 10 -4.09 1.40 -2.38
CA ALA A 10 -3.80 0.67 -3.65
C ALA A 10 -2.64 1.29 -4.45
N VAL A 11 -2.67 2.57 -4.70
CA VAL A 11 -1.59 3.22 -5.51
C VAL A 11 -0.21 3.05 -4.88
N GLN A 12 -0.08 3.26 -3.59
CA GLN A 12 1.27 3.09 -2.94
C GLN A 12 1.77 1.65 -3.12
N GLY A 13 0.95 0.68 -2.79
CA GLY A 13 1.35 -0.77 -2.90
C GLY A 13 2.04 -1.00 -4.25
N ASP A 14 1.49 -0.41 -5.28
CA ASP A 14 2.07 -0.56 -6.65
C ASP A 14 3.45 0.11 -6.73
N VAL A 15 3.62 1.23 -6.08
CA VAL A 15 4.93 1.94 -6.14
C VAL A 15 6.05 1.04 -5.61
N VAL A 16 5.81 0.30 -4.56
CA VAL A 16 6.86 -0.61 -4.03
C VAL A 16 7.22 -1.65 -5.11
N ARG A 17 6.22 -2.23 -5.74
CA ARG A 17 6.47 -3.24 -6.82
C ARG A 17 7.28 -2.63 -7.97
N GLU A 18 6.98 -1.41 -8.32
CA GLU A 18 7.71 -0.74 -9.45
C GLU A 18 9.19 -0.65 -9.13
N LEU A 19 9.52 -0.30 -7.92
CA LEU A 19 10.96 -0.20 -7.52
C LEU A 19 11.67 -1.54 -7.69
N LYS A 20 11.01 -2.62 -7.34
CA LYS A 20 11.64 -3.97 -7.49
C LYS A 20 11.98 -4.21 -8.95
N ALA A 21 11.06 -3.88 -9.83
CA ALA A 21 11.33 -4.03 -11.29
C ALA A 21 12.49 -3.10 -11.66
N LYS A 22 12.67 -2.04 -10.90
CA LYS A 22 13.78 -1.10 -11.17
C LYS A 22 15.09 -1.58 -10.49
N LYS A 23 15.10 -2.77 -9.93
CA LYS A 23 16.33 -3.30 -9.24
C LYS A 23 16.75 -2.36 -8.10
N ALA A 24 15.84 -1.58 -7.61
CA ALA A 24 16.17 -0.63 -6.50
C ALA A 24 16.65 -1.41 -5.27
N PRO A 25 17.53 -0.82 -4.49
CA PRO A 25 18.05 -1.50 -3.28
C PRO A 25 16.96 -1.60 -2.21
N LYS A 26 17.22 -2.38 -1.18
CA LYS A 26 16.22 -2.55 -0.08
C LYS A 26 15.84 -1.19 0.52
N GLU A 27 16.76 -0.25 0.52
CA GLU A 27 16.45 1.10 1.10
C GLU A 27 15.26 1.74 0.39
N ASP A 28 15.19 1.60 -0.92
CA ASP A 28 14.03 2.19 -1.67
C ASP A 28 12.75 1.40 -1.39
N VAL A 29 12.84 0.10 -1.40
CA VAL A 29 11.63 -0.74 -1.12
C VAL A 29 11.19 -0.60 0.33
N ASP A 30 12.12 -0.57 1.26
CA ASP A 30 11.75 -0.45 2.69
C ASP A 30 10.96 0.83 2.96
N ALA A 31 11.41 1.95 2.46
CA ALA A 31 10.66 3.22 2.70
C ALA A 31 9.27 3.15 2.08
N ALA A 32 9.18 2.75 0.84
CA ALA A 32 7.85 2.67 0.16
C ALA A 32 6.98 1.59 0.81
N VAL A 33 7.54 0.46 1.15
CA VAL A 33 6.72 -0.60 1.80
C VAL A 33 6.24 -0.09 3.17
N LYS A 34 7.08 0.62 3.88
CA LYS A 34 6.67 1.19 5.19
C LYS A 34 5.48 2.13 4.98
N GLN A 35 5.53 2.90 3.92
CA GLN A 35 4.40 3.85 3.64
C GLN A 35 3.10 3.07 3.42
N LEU A 36 3.12 2.10 2.55
CA LEU A 36 1.91 1.28 2.29
C LEU A 36 1.48 0.56 3.60
N LEU A 37 2.44 0.07 4.35
CA LEU A 37 2.09 -0.62 5.64
C LEU A 37 1.36 0.36 6.56
N SER A 38 1.79 1.59 6.58
CA SER A 38 1.10 2.61 7.44
C SER A 38 -0.36 2.74 6.99
N LEU A 39 -0.60 2.69 5.70
CA LEU A 39 -2.00 2.82 5.18
C LEU A 39 -2.88 1.69 5.73
N LYS A 40 -2.50 0.46 5.55
CA LYS A 40 -3.32 -0.67 6.10
C LYS A 40 -3.30 -0.60 7.63
N ALA A 41 -2.23 -0.12 8.18
CA ALA A 41 -2.12 -0.02 9.66
C ALA A 41 -3.23 0.87 10.21
N GLU A 42 -3.53 1.97 9.55
CA GLU A 42 -4.65 2.84 10.04
C GLU A 42 -5.96 2.04 9.95
N TYR A 43 -6.14 1.36 8.84
CA TYR A 43 -7.36 0.52 8.66
C TYR A 43 -7.41 -0.57 9.74
N LYS A 44 -6.27 -1.16 10.02
CA LYS A 44 -6.22 -2.24 11.05
C LYS A 44 -6.67 -1.73 12.42
N GLU A 45 -6.30 -0.53 12.78
CA GLU A 45 -6.68 0.02 14.12
C GLU A 45 -8.20 -0.02 14.31
N LYS A 46 -8.97 0.28 13.30
CA LYS A 46 -10.46 0.25 13.46
C LYS A 46 -10.94 -1.18 13.76
N THR A 47 -11.17 -1.99 12.76
CA THR A 47 -11.64 -3.39 13.03
C THR A 47 -11.37 -4.32 11.84
N GLY A 48 -10.17 -4.37 11.35
CA GLY A 48 -9.85 -5.26 10.19
C GLY A 48 -10.51 -4.74 8.91
N GLN A 49 -10.49 -3.46 8.70
CA GLN A 49 -11.12 -2.87 7.47
C GLN A 49 -10.09 -2.67 6.36
N GLU A 50 -9.01 -3.39 6.42
CA GLU A 50 -7.94 -3.25 5.37
C GLU A 50 -8.52 -3.55 3.98
N TYR A 51 -8.10 -2.80 2.99
CA TYR A 51 -8.62 -3.00 1.60
C TYR A 51 -8.40 -4.43 1.12
N LYS A 52 -9.28 -4.92 0.28
CA LYS A 52 -9.15 -6.31 -0.25
C LYS A 52 -7.92 -6.43 -1.18
N PRO A 53 -7.44 -7.63 -1.37
CA PRO A 53 -6.24 -7.84 -2.23
C PRO A 53 -6.53 -7.54 -3.69
N GLY A 54 -7.77 -7.49 -4.10
CA GLY A 54 -8.08 -7.20 -5.53
C GLY A 54 -8.12 -5.69 -5.81
N ASN A 55 -7.64 -4.86 -4.91
CA ASN A 55 -7.66 -3.38 -5.14
C ASN A 55 -9.11 -2.92 -5.45
N PRO A 56 -9.30 -1.63 -5.66
CA PRO A 56 -10.66 -1.11 -5.95
C PRO A 56 -11.11 -1.58 -7.34
N PRO A 57 -12.41 -1.75 -7.51
CA PRO A 57 -12.94 -2.21 -8.81
C PRO A 57 -12.87 -1.09 -9.85
N ASP A 1 -16.22 9.01 1.51
CA ASP A 1 -16.29 7.69 0.83
C ASP A 1 -15.06 6.84 1.18
N SER A 2 -15.28 5.62 1.58
CA SER A 2 -14.13 4.73 1.94
C SER A 2 -13.33 4.33 0.68
N LEU A 3 -13.86 4.57 -0.48
CA LEU A 3 -13.14 4.20 -1.74
C LEU A 3 -11.79 4.93 -1.82
N VAL A 4 -11.75 6.17 -1.44
CA VAL A 4 -10.47 6.95 -1.51
C VAL A 4 -9.36 6.23 -0.74
N LEU A 5 -9.67 5.71 0.42
CA LEU A 5 -8.65 4.96 1.22
C LEU A 5 -8.17 3.75 0.41
N TYR A 6 -9.07 3.09 -0.26
CA TYR A 6 -8.69 1.90 -1.09
C TYR A 6 -7.62 2.31 -2.12
N ASN A 7 -7.85 3.39 -2.80
CA ASN A 7 -6.86 3.87 -3.82
C ASN A 7 -5.52 4.21 -3.15
N ARG A 8 -5.55 4.82 -1.99
CA ARG A 8 -4.27 5.19 -1.30
C ARG A 8 -3.43 3.94 -1.01
N VAL A 9 -4.03 2.94 -0.42
CA VAL A 9 -3.25 1.70 -0.13
C VAL A 9 -2.91 0.99 -1.45
N ALA A 10 -3.83 0.98 -2.38
CA ALA A 10 -3.61 0.30 -3.69
C ALA A 10 -2.43 0.90 -4.47
N VAL A 11 -2.38 2.21 -4.62
CA VAL A 11 -1.28 2.82 -5.42
C VAL A 11 0.09 2.49 -4.82
N GLN A 12 0.26 2.59 -3.52
CA GLN A 12 1.58 2.24 -2.92
C GLN A 12 1.90 0.76 -3.20
N GLY A 13 0.96 -0.11 -2.93
CA GLY A 13 1.14 -1.59 -3.13
C GLY A 13 1.93 -1.85 -4.43
N ASP A 14 1.40 -1.41 -5.54
CA ASP A 14 2.07 -1.60 -6.86
C ASP A 14 3.42 -0.87 -6.90
N VAL A 15 3.51 0.28 -6.29
CA VAL A 15 4.81 1.04 -6.31
C VAL A 15 5.91 0.19 -5.68
N VAL A 16 5.61 -0.49 -4.60
CA VAL A 16 6.65 -1.35 -3.95
C VAL A 16 7.13 -2.41 -4.96
N ARG A 17 6.20 -3.11 -5.57
CA ARG A 17 6.57 -4.17 -6.57
C ARG A 17 7.31 -3.57 -7.77
N GLU A 18 6.86 -2.44 -8.27
CA GLU A 18 7.51 -1.81 -9.46
C GLU A 18 8.97 -1.48 -9.15
N LEU A 19 9.22 -0.92 -7.99
CA LEU A 19 10.61 -0.55 -7.62
C LEU A 19 11.52 -1.78 -7.60
N LYS A 20 11.02 -2.89 -7.11
CA LYS A 20 11.83 -4.13 -7.06
C LYS A 20 12.13 -4.60 -8.47
N ALA A 21 11.16 -4.49 -9.34
CA ALA A 21 11.38 -4.91 -10.76
C ALA A 21 12.48 -4.05 -11.36
N LYS A 22 12.66 -2.86 -10.84
CA LYS A 22 13.75 -1.97 -11.36
C LYS A 22 15.08 -2.27 -10.63
N LYS A 23 15.13 -3.33 -9.85
CA LYS A 23 16.39 -3.70 -9.11
C LYS A 23 16.83 -2.56 -8.18
N ALA A 24 15.92 -1.68 -7.85
CA ALA A 24 16.28 -0.54 -6.94
C ALA A 24 16.79 -1.09 -5.60
N PRO A 25 17.37 -0.23 -4.79
CA PRO A 25 17.90 -0.69 -3.48
C PRO A 25 16.76 -0.95 -2.51
N LYS A 26 17.02 -1.66 -1.44
CA LYS A 26 15.96 -1.94 -0.43
C LYS A 26 15.33 -0.61 0.03
N GLU A 27 16.06 0.47 -0.10
CA GLU A 27 15.55 1.82 0.31
C GLU A 27 14.24 2.13 -0.42
N ASP A 28 14.15 1.79 -1.68
CA ASP A 28 12.90 2.07 -2.45
C ASP A 28 11.78 1.11 -2.04
N VAL A 29 12.10 -0.14 -1.87
CA VAL A 29 11.05 -1.14 -1.48
C VAL A 29 10.57 -0.91 -0.04
N ASP A 30 11.49 -0.88 0.89
CA ASP A 30 11.09 -0.68 2.33
C ASP A 30 10.35 0.66 2.54
N ALA A 31 10.80 1.72 1.92
CA ALA A 31 10.14 3.04 2.11
C ALA A 31 8.68 2.99 1.67
N ALA A 32 8.43 2.49 0.48
CA ALA A 32 7.02 2.42 -0.02
C ALA A 32 6.21 1.43 0.82
N VAL A 33 6.79 0.31 1.17
CA VAL A 33 6.04 -0.67 2.01
C VAL A 33 5.83 -0.04 3.40
N LYS A 34 6.81 0.68 3.90
CA LYS A 34 6.63 1.36 5.22
C LYS A 34 5.47 2.34 5.09
N GLN A 35 5.45 3.07 3.99
CA GLN A 35 4.35 4.04 3.75
C GLN A 35 3.05 3.26 3.57
N LEU A 36 3.10 2.21 2.79
CA LEU A 36 1.88 1.36 2.56
C LEU A 36 1.39 0.79 3.90
N LEU A 37 2.29 0.39 4.76
CA LEU A 37 1.86 -0.17 6.09
C LEU A 37 1.05 0.90 6.84
N SER A 38 1.46 2.13 6.77
CA SER A 38 0.70 3.23 7.44
C SER A 38 -0.71 3.30 6.84
N LEU A 39 -0.80 3.17 5.55
CA LEU A 39 -2.14 3.21 4.88
C LEU A 39 -2.99 2.04 5.40
N LYS A 40 -2.42 0.86 5.36
CA LYS A 40 -3.14 -0.36 5.87
C LYS A 40 -3.47 -0.15 7.35
N ALA A 41 -2.56 0.42 8.08
CA ALA A 41 -2.78 0.65 9.54
C ALA A 41 -3.99 1.56 9.76
N GLU A 42 -4.11 2.63 9.00
CA GLU A 42 -5.28 3.54 9.19
C GLU A 42 -6.58 2.77 8.95
N TYR A 43 -6.64 2.02 7.88
CA TYR A 43 -7.85 1.20 7.57
C TYR A 43 -8.11 0.21 8.72
N LYS A 44 -7.05 -0.39 9.18
CA LYS A 44 -7.16 -1.39 10.29
C LYS A 44 -7.74 -0.78 11.57
N GLU A 45 -7.36 0.43 11.91
CA GLU A 45 -7.87 1.06 13.18
C GLU A 45 -9.40 1.17 13.18
N LYS A 46 -9.99 1.51 12.06
CA LYS A 46 -11.49 1.64 12.03
C LYS A 46 -12.18 0.31 12.37
N THR A 47 -11.81 -0.76 11.70
CA THR A 47 -12.47 -2.07 11.98
C THR A 47 -11.60 -3.27 11.55
N GLY A 48 -10.33 -3.06 11.32
CA GLY A 48 -9.45 -4.20 10.88
C GLY A 48 -9.81 -4.63 9.46
N GLN A 49 -10.13 -3.69 8.61
CA GLN A 49 -10.50 -4.05 7.21
C GLN A 49 -9.25 -4.19 6.32
N GLU A 50 -8.16 -3.55 6.71
CA GLU A 50 -6.85 -3.61 5.96
C GLU A 50 -7.01 -3.54 4.42
N TYR A 51 -5.90 -3.48 3.73
CA TYR A 51 -5.93 -3.41 2.23
C TYR A 51 -6.43 -4.72 1.62
N LYS A 52 -7.46 -4.65 0.81
CA LYS A 52 -7.96 -5.89 0.14
C LYS A 52 -6.95 -6.34 -0.93
N PRO A 53 -6.82 -7.63 -1.12
CA PRO A 53 -5.83 -8.15 -2.11
C PRO A 53 -6.31 -7.98 -3.56
N GLY A 54 -7.53 -7.56 -3.80
CA GLY A 54 -8.01 -7.41 -5.21
C GLY A 54 -7.67 -6.04 -5.81
N ASN A 55 -6.57 -5.42 -5.43
CA ASN A 55 -6.21 -4.08 -6.01
C ASN A 55 -7.37 -3.09 -5.83
N PRO A 56 -7.19 -1.86 -6.29
CA PRO A 56 -8.27 -0.84 -6.14
C PRO A 56 -9.48 -1.17 -7.03
N PRO A 57 -10.66 -0.78 -6.60
CA PRO A 57 -11.88 -1.05 -7.38
C PRO A 57 -11.94 -0.16 -8.62
N ASP A 1 -17.44 7.85 -0.11
CA ASP A 1 -17.43 6.36 -0.15
C ASP A 1 -16.10 5.83 0.41
N SER A 2 -16.11 4.65 0.97
CA SER A 2 -14.86 4.07 1.55
C SER A 2 -13.85 3.72 0.43
N LEU A 3 -14.29 3.72 -0.82
CA LEU A 3 -13.36 3.36 -1.93
C LEU A 3 -12.21 4.37 -2.02
N VAL A 4 -12.46 5.62 -1.73
CA VAL A 4 -11.36 6.64 -1.80
C VAL A 4 -10.17 6.22 -0.92
N LEU A 5 -10.46 5.72 0.26
CA LEU A 5 -9.36 5.26 1.16
C LEU A 5 -8.58 4.13 0.49
N TYR A 6 -9.27 3.24 -0.16
CA TYR A 6 -8.59 2.11 -0.86
C TYR A 6 -7.56 2.65 -1.87
N ASN A 7 -7.92 3.67 -2.60
CA ASN A 7 -6.99 4.24 -3.62
C ASN A 7 -5.69 4.75 -2.96
N ARG A 8 -5.79 5.37 -1.81
CA ARG A 8 -4.54 5.89 -1.15
C ARG A 8 -3.57 4.75 -0.87
N VAL A 9 -4.00 3.74 -0.14
CA VAL A 9 -3.10 2.59 0.17
C VAL A 9 -2.84 1.78 -1.11
N ALA A 10 -3.83 1.63 -1.95
CA ALA A 10 -3.65 0.85 -3.21
C ALA A 10 -2.57 1.46 -4.10
N VAL A 11 -2.60 2.75 -4.29
CA VAL A 11 -1.59 3.41 -5.17
C VAL A 11 -0.17 3.16 -4.63
N GLN A 12 0.06 3.37 -3.37
CA GLN A 12 1.42 3.14 -2.80
C GLN A 12 1.83 1.67 -3.01
N GLY A 13 0.98 0.75 -2.64
CA GLY A 13 1.28 -0.72 -2.75
C GLY A 13 1.95 -1.02 -4.10
N ASP A 14 1.38 -0.51 -5.15
CA ASP A 14 1.93 -0.73 -6.53
C ASP A 14 3.33 -0.12 -6.67
N VAL A 15 3.57 1.02 -6.08
CA VAL A 15 4.92 1.64 -6.21
C VAL A 15 6.00 0.69 -5.68
N VAL A 16 5.72 -0.01 -4.60
CA VAL A 16 6.73 -0.97 -4.05
C VAL A 16 7.02 -2.03 -5.12
N ARG A 17 6.01 -2.55 -5.75
CA ARG A 17 6.23 -3.57 -6.82
C ARG A 17 7.10 -2.98 -7.94
N GLU A 18 6.84 -1.74 -8.31
CA GLU A 18 7.65 -1.10 -9.39
C GLU A 18 9.12 -0.94 -8.98
N LEU A 19 9.37 -0.58 -7.74
CA LEU A 19 10.78 -0.41 -7.28
C LEU A 19 11.56 -1.72 -7.40
N LYS A 20 10.95 -2.82 -7.08
CA LYS A 20 11.64 -4.14 -7.18
C LYS A 20 11.94 -4.43 -8.63
N ALA A 21 10.99 -4.16 -9.51
CA ALA A 21 11.23 -4.38 -10.95
C ALA A 21 12.41 -3.50 -11.41
N LYS A 22 12.68 -2.44 -10.68
CA LYS A 22 13.82 -1.55 -11.02
C LYS A 22 15.12 -2.07 -10.39
N LYS A 23 15.11 -3.27 -9.81
CA LYS A 23 16.35 -3.84 -9.17
C LYS A 23 16.87 -2.93 -8.05
N ALA A 24 16.03 -2.07 -7.55
CA ALA A 24 16.47 -1.15 -6.45
C ALA A 24 16.96 -1.97 -5.23
N PRO A 25 17.72 -1.33 -4.37
CA PRO A 25 18.25 -2.04 -3.17
C PRO A 25 17.13 -2.35 -2.18
N LYS A 26 17.39 -3.21 -1.23
CA LYS A 26 16.35 -3.60 -0.22
C LYS A 26 15.85 -2.36 0.52
N GLU A 27 16.69 -1.37 0.70
CA GLU A 27 16.28 -0.13 1.43
C GLU A 27 15.07 0.52 0.73
N ASP A 28 15.07 0.54 -0.58
CA ASP A 28 13.94 1.17 -1.32
C ASP A 28 12.67 0.33 -1.19
N VAL A 29 12.80 -0.98 -1.28
CA VAL A 29 11.60 -1.86 -1.16
C VAL A 29 11.04 -1.78 0.26
N ASP A 30 11.89 -1.98 1.24
CA ASP A 30 11.42 -1.92 2.66
C ASP A 30 10.83 -0.55 2.99
N ALA A 31 11.49 0.51 2.59
CA ALA A 31 10.95 1.88 2.88
C ALA A 31 9.61 2.08 2.18
N ALA A 32 9.54 1.77 0.91
CA ALA A 32 8.27 1.95 0.16
C ALA A 32 7.17 1.05 0.73
N VAL A 33 7.48 -0.20 1.03
CA VAL A 33 6.44 -1.10 1.59
C VAL A 33 6.03 -0.58 2.97
N LYS A 34 6.96 -0.07 3.73
CA LYS A 34 6.63 0.49 5.07
C LYS A 34 5.63 1.64 4.90
N GLN A 35 5.82 2.43 3.88
CA GLN A 35 4.91 3.59 3.63
C GLN A 35 3.47 3.12 3.43
N LEU A 36 3.26 2.09 2.64
CA LEU A 36 1.87 1.59 2.41
C LEU A 36 1.24 1.16 3.75
N LEU A 37 2.02 0.59 4.65
CA LEU A 37 1.45 0.16 5.96
C LEU A 37 0.83 1.36 6.68
N SER A 38 1.48 2.50 6.60
CA SER A 38 0.92 3.72 7.25
C SER A 38 -0.46 4.03 6.66
N LEU A 39 -0.59 3.86 5.35
CA LEU A 39 -1.92 4.13 4.71
C LEU A 39 -2.94 3.10 5.24
N LYS A 40 -2.56 1.85 5.25
CA LYS A 40 -3.48 0.79 5.77
C LYS A 40 -3.78 1.07 7.24
N ALA A 41 -2.83 1.65 7.95
CA ALA A 41 -3.05 1.95 9.39
C ALA A 41 -4.25 2.89 9.54
N GLU A 42 -4.37 3.87 8.68
CA GLU A 42 -5.55 4.79 8.76
C GLU A 42 -6.83 3.99 8.54
N TYR A 43 -6.87 3.18 7.51
CA TYR A 43 -8.08 2.34 7.27
C TYR A 43 -8.28 1.40 8.47
N LYS A 44 -7.19 0.90 9.00
CA LYS A 44 -7.26 -0.02 10.18
C LYS A 44 -7.93 0.65 11.38
N GLU A 45 -7.84 1.96 11.47
CA GLU A 45 -8.44 2.66 12.65
C GLU A 45 -9.92 2.31 12.80
N LYS A 46 -10.64 2.22 11.71
CA LYS A 46 -12.09 1.88 11.82
C LYS A 46 -12.27 0.46 12.39
N THR A 47 -11.75 -0.54 11.72
CA THR A 47 -11.90 -1.94 12.25
C THR A 47 -10.93 -2.91 11.55
N GLY A 48 -9.80 -2.44 11.09
CA GLY A 48 -8.84 -3.35 10.38
C GLY A 48 -9.46 -3.76 9.04
N GLN A 49 -9.50 -2.86 8.10
CA GLN A 49 -10.10 -3.18 6.76
C GLN A 49 -9.09 -3.82 5.80
N GLU A 50 -7.80 -3.71 6.10
CA GLU A 50 -6.70 -4.30 5.22
C GLU A 50 -7.09 -4.35 3.72
N TYR A 51 -6.61 -3.41 2.95
CA TYR A 51 -6.94 -3.37 1.49
C TYR A 51 -6.55 -4.68 0.78
N LYS A 52 -7.38 -5.14 -0.13
CA LYS A 52 -7.07 -6.40 -0.86
C LYS A 52 -5.81 -6.20 -1.72
N PRO A 53 -5.23 -7.28 -2.18
CA PRO A 53 -4.00 -7.18 -3.01
C PRO A 53 -4.31 -6.61 -4.40
N GLY A 54 -5.49 -6.84 -4.91
CA GLY A 54 -5.84 -6.29 -6.26
C GLY A 54 -6.39 -4.87 -6.17
N ASN A 55 -6.00 -4.09 -5.19
CA ASN A 55 -6.52 -2.69 -5.06
C ASN A 55 -8.08 -2.67 -5.13
N PRO A 56 -8.67 -1.49 -5.07
CA PRO A 56 -10.16 -1.42 -5.10
C PRO A 56 -10.71 -1.79 -6.49
N PRO A 57 -11.91 -2.34 -6.50
CA PRO A 57 -12.53 -2.76 -7.78
C PRO A 57 -12.93 -1.53 -8.61
N ASP A 1 -17.36 7.95 0.39
CA ASP A 1 -16.17 8.14 -0.49
C ASP A 1 -15.04 7.20 -0.07
N SER A 2 -15.39 6.00 0.34
CA SER A 2 -14.34 5.02 0.76
C SER A 2 -13.51 4.58 -0.45
N LEU A 3 -14.06 4.69 -1.65
CA LEU A 3 -13.29 4.28 -2.87
C LEU A 3 -12.03 5.14 -2.99
N VAL A 4 -12.16 6.42 -2.75
CA VAL A 4 -10.98 7.34 -2.83
C VAL A 4 -9.87 6.83 -1.90
N LEU A 5 -10.23 6.43 -0.71
CA LEU A 5 -9.21 5.90 0.25
C LEU A 5 -8.53 4.64 -0.31
N TYR A 6 -9.29 3.78 -0.94
CA TYR A 6 -8.69 2.54 -1.53
C TYR A 6 -7.62 2.89 -2.56
N ASN A 7 -7.87 3.89 -3.36
CA ASN A 7 -6.87 4.29 -4.38
C ASN A 7 -5.55 4.69 -3.72
N ARG A 8 -5.61 5.39 -2.61
CA ARG A 8 -4.36 5.83 -1.92
C ARG A 8 -3.51 4.63 -1.50
N VAL A 9 -4.09 3.64 -0.85
CA VAL A 9 -3.28 2.46 -0.43
C VAL A 9 -2.78 1.71 -1.68
N ALA A 10 -3.61 1.59 -2.68
CA ALA A 10 -3.20 0.89 -3.94
C ALA A 10 -2.01 1.60 -4.58
N VAL A 11 -2.00 2.90 -4.55
CA VAL A 11 -0.88 3.66 -5.19
C VAL A 11 0.47 3.29 -4.58
N GLN A 12 0.59 3.31 -3.27
CA GLN A 12 1.91 2.93 -2.66
C GLN A 12 2.24 1.48 -3.01
N GLY A 13 1.31 0.58 -2.77
CA GLY A 13 1.51 -0.89 -3.04
C GLY A 13 2.26 -1.09 -4.37
N ASP A 14 1.77 -0.45 -5.39
CA ASP A 14 2.40 -0.56 -6.74
C ASP A 14 3.82 0.02 -6.75
N VAL A 15 4.06 1.10 -6.02
CA VAL A 15 5.43 1.71 -6.02
C VAL A 15 6.47 0.68 -5.52
N VAL A 16 6.13 -0.08 -4.51
CA VAL A 16 7.09 -1.12 -4.01
C VAL A 16 7.39 -2.10 -5.17
N ARG A 17 6.37 -2.58 -5.82
CA ARG A 17 6.58 -3.53 -6.95
C ARG A 17 7.42 -2.87 -8.05
N GLU A 18 7.08 -1.67 -8.43
CA GLU A 18 7.84 -0.98 -9.51
C GLU A 18 9.30 -0.75 -9.11
N LEU A 19 9.54 -0.35 -7.88
CA LEU A 19 10.96 -0.11 -7.43
C LEU A 19 11.77 -1.41 -7.45
N LYS A 20 11.16 -2.49 -7.04
CA LYS A 20 11.88 -3.80 -7.02
C LYS A 20 12.20 -4.24 -8.43
N ALA A 21 11.29 -4.05 -9.35
CA ALA A 21 11.55 -4.41 -10.78
C ALA A 21 12.75 -3.60 -11.27
N LYS A 22 12.95 -2.44 -10.70
CA LYS A 22 14.10 -1.59 -11.11
C LYS A 22 15.38 -2.00 -10.35
N LYS A 23 15.35 -3.10 -9.63
CA LYS A 23 16.57 -3.57 -8.86
C LYS A 23 17.05 -2.50 -7.89
N ALA A 24 16.16 -1.66 -7.44
CA ALA A 24 16.55 -0.58 -6.48
C ALA A 24 17.23 -1.18 -5.23
N PRO A 25 17.91 -0.33 -4.49
CA PRO A 25 18.59 -0.80 -3.26
C PRO A 25 17.56 -1.18 -2.19
N LYS A 26 17.99 -1.85 -1.16
CA LYS A 26 17.05 -2.27 -0.08
C LYS A 26 16.37 -1.05 0.55
N GLU A 27 17.09 0.04 0.64
CA GLU A 27 16.51 1.28 1.26
C GLU A 27 15.21 1.69 0.55
N ASP A 28 15.19 1.57 -0.76
CA ASP A 28 13.96 1.95 -1.52
C ASP A 28 12.83 0.94 -1.30
N VAL A 29 13.12 -0.34 -1.38
CA VAL A 29 12.05 -1.37 -1.19
C VAL A 29 11.59 -1.42 0.28
N ASP A 30 12.51 -1.51 1.20
CA ASP A 30 12.13 -1.59 2.65
C ASP A 30 11.33 -0.36 3.08
N ALA A 31 11.83 0.81 2.77
CA ALA A 31 11.11 2.06 3.17
C ALA A 31 9.71 2.11 2.54
N ALA A 32 9.61 1.82 1.27
CA ALA A 32 8.28 1.86 0.61
C ALA A 32 7.37 0.78 1.17
N VAL A 33 7.89 -0.42 1.31
CA VAL A 33 7.06 -1.52 1.88
C VAL A 33 6.71 -1.17 3.32
N LYS A 34 7.66 -0.62 4.06
CA LYS A 34 7.36 -0.20 5.46
C LYS A 34 6.26 0.85 5.43
N GLN A 35 6.35 1.75 4.48
CA GLN A 35 5.30 2.80 4.34
C GLN A 35 3.99 2.13 3.93
N LEU A 36 4.08 1.20 3.02
CA LEU A 36 2.88 0.46 2.54
C LEU A 36 2.22 -0.27 3.72
N LEU A 37 3.00 -0.85 4.58
CA LEU A 37 2.44 -1.56 5.77
C LEU A 37 1.63 -0.59 6.62
N SER A 38 2.12 0.61 6.76
CA SER A 38 1.39 1.64 7.58
C SER A 38 0.01 1.89 6.96
N LEU A 39 -0.08 1.85 5.65
CA LEU A 39 -1.40 2.08 4.98
C LEU A 39 -2.41 1.02 5.43
N LYS A 40 -2.04 -0.23 5.35
CA LYS A 40 -2.97 -1.32 5.79
C LYS A 40 -3.29 -1.15 7.28
N ALA A 41 -2.31 -0.79 8.05
CA ALA A 41 -2.52 -0.62 9.52
C ALA A 41 -3.59 0.44 9.79
N GLU A 42 -3.53 1.57 9.12
CA GLU A 42 -4.57 2.62 9.34
C GLU A 42 -5.95 2.06 8.98
N TYR A 43 -6.07 1.46 7.83
CA TYR A 43 -7.38 0.86 7.41
C TYR A 43 -7.79 -0.24 8.39
N LYS A 44 -6.83 -1.01 8.87
CA LYS A 44 -7.14 -2.13 9.81
C LYS A 44 -7.81 -1.61 11.08
N GLU A 45 -7.39 -0.47 11.56
CA GLU A 45 -7.99 0.10 12.81
C GLU A 45 -9.51 0.30 12.65
N LYS A 46 -9.97 0.74 11.52
CA LYS A 46 -11.44 0.96 11.34
C LYS A 46 -12.23 -0.34 11.52
N THR A 47 -11.88 -1.37 10.78
CA THR A 47 -12.61 -2.68 10.92
C THR A 47 -11.75 -3.85 10.44
N GLY A 48 -10.45 -3.67 10.32
CA GLY A 48 -9.58 -4.78 9.84
C GLY A 48 -9.82 -5.08 8.36
N GLN A 49 -10.20 -4.07 7.60
CA GLN A 49 -10.47 -4.31 6.14
C GLN A 49 -9.15 -4.24 5.34
N GLU A 50 -8.16 -3.55 5.85
CA GLU A 50 -6.83 -3.40 5.16
C GLU A 50 -6.98 -3.17 3.64
N TYR A 51 -5.87 -3.12 2.94
CA TYR A 51 -5.92 -2.88 1.46
C TYR A 51 -6.59 -4.06 0.73
N LYS A 52 -7.83 -3.91 0.36
CA LYS A 52 -8.53 -5.01 -0.37
C LYS A 52 -7.94 -5.13 -1.78
N PRO A 53 -8.13 -6.27 -2.42
CA PRO A 53 -7.56 -6.47 -3.78
C PRO A 53 -8.33 -5.64 -4.82
N GLY A 54 -9.61 -5.90 -4.98
CA GLY A 54 -10.39 -5.08 -5.94
C GLY A 54 -10.74 -3.71 -5.35
N ASN A 55 -10.31 -3.44 -4.13
CA ASN A 55 -10.60 -2.11 -3.50
C ASN A 55 -12.11 -1.76 -3.62
N PRO A 56 -12.96 -2.69 -3.25
CA PRO A 56 -14.43 -2.44 -3.32
C PRO A 56 -14.85 -1.41 -2.27
N PRO A 57 -15.89 -0.65 -2.57
CA PRO A 57 -16.36 0.37 -1.59
C PRO A 57 -17.03 -0.31 -0.40
N ASP A 1 -18.94 3.52 -0.79
CA ASP A 1 -17.78 2.86 -1.46
C ASP A 1 -16.49 3.65 -1.20
N SER A 2 -15.63 3.13 -0.36
CA SER A 2 -14.35 3.84 -0.05
C SER A 2 -13.40 3.77 -1.26
N LEU A 3 -13.83 4.32 -2.38
CA LEU A 3 -12.97 4.29 -3.60
C LEU A 3 -11.66 5.05 -3.36
N VAL A 4 -11.77 6.25 -2.85
CA VAL A 4 -10.54 7.07 -2.60
C VAL A 4 -9.60 6.36 -1.61
N LEU A 5 -10.11 5.88 -0.51
CA LEU A 5 -9.21 5.18 0.48
C LEU A 5 -8.55 3.96 -0.16
N TYR A 6 -9.30 3.17 -0.88
CA TYR A 6 -8.70 1.96 -1.54
C TYR A 6 -7.58 2.37 -2.50
N ASN A 7 -7.80 3.40 -3.28
CA ASN A 7 -6.76 3.85 -4.25
C ASN A 7 -5.47 4.24 -3.52
N ARG A 8 -5.59 4.91 -2.39
CA ARG A 8 -4.37 5.33 -1.63
C ARG A 8 -3.53 4.11 -1.23
N VAL A 9 -4.15 3.12 -0.64
CA VAL A 9 -3.37 1.90 -0.24
C VAL A 9 -2.95 1.13 -1.50
N ALA A 10 -3.83 1.05 -2.47
CA ALA A 10 -3.52 0.32 -3.74
C ALA A 10 -2.33 0.93 -4.50
N VAL A 11 -2.35 2.23 -4.72
CA VAL A 11 -1.24 2.86 -5.52
C VAL A 11 0.14 2.65 -4.87
N GLN A 12 0.29 2.90 -3.59
CA GLN A 12 1.62 2.67 -2.96
C GLN A 12 1.97 1.19 -3.03
N GLY A 13 1.02 0.33 -2.76
CA GLY A 13 1.26 -1.16 -2.77
C GLY A 13 2.10 -1.54 -4.02
N ASP A 14 1.65 -1.11 -5.17
CA ASP A 14 2.37 -1.40 -6.44
C ASP A 14 3.77 -0.76 -6.45
N VAL A 15 3.91 0.39 -5.85
CA VAL A 15 5.25 1.07 -5.84
C VAL A 15 6.28 0.15 -5.15
N VAL A 16 5.90 -0.51 -4.09
CA VAL A 16 6.85 -1.45 -3.41
C VAL A 16 7.27 -2.53 -4.40
N ARG A 17 6.32 -3.14 -5.05
CA ARG A 17 6.62 -4.20 -6.06
C ARG A 17 7.38 -3.60 -7.25
N GLU A 18 6.99 -2.43 -7.68
CA GLU A 18 7.66 -1.78 -8.85
C GLU A 18 9.14 -1.54 -8.56
N LEU A 19 9.45 -0.99 -7.42
CA LEU A 19 10.88 -0.72 -7.08
C LEU A 19 11.68 -2.03 -7.05
N LYS A 20 11.09 -3.07 -6.52
CA LYS A 20 11.78 -4.38 -6.46
C LYS A 20 11.88 -4.94 -7.88
N ALA A 21 10.84 -4.77 -8.64
CA ALA A 21 10.83 -5.25 -10.05
C ALA A 21 11.97 -4.58 -10.81
N LYS A 22 12.29 -3.36 -10.45
CA LYS A 22 13.41 -2.65 -11.14
C LYS A 22 14.74 -2.89 -10.39
N LYS A 23 14.80 -3.91 -9.56
CA LYS A 23 16.06 -4.23 -8.79
C LYS A 23 16.48 -3.06 -7.89
N ALA A 24 15.57 -2.19 -7.58
CA ALA A 24 15.92 -1.03 -6.69
C ALA A 24 16.44 -1.55 -5.33
N PRO A 25 17.17 -0.73 -4.62
CA PRO A 25 17.74 -1.16 -3.32
C PRO A 25 16.63 -1.23 -2.27
N LYS A 26 16.90 -1.83 -1.15
CA LYS A 26 15.89 -1.92 -0.05
C LYS A 26 15.39 -0.50 0.29
N GLU A 27 16.21 0.49 0.03
CA GLU A 27 15.83 1.91 0.32
C GLU A 27 14.52 2.26 -0.40
N ASP A 28 14.39 1.84 -1.63
CA ASP A 28 13.15 2.14 -2.40
C ASP A 28 11.98 1.27 -1.95
N VAL A 29 12.19 -0.01 -1.83
CA VAL A 29 11.07 -0.91 -1.40
C VAL A 29 10.63 -0.55 0.02
N ASP A 30 11.56 -0.43 0.93
CA ASP A 30 11.21 -0.09 2.34
C ASP A 30 10.49 1.26 2.40
N ALA A 31 10.93 2.23 1.63
CA ALA A 31 10.27 3.58 1.67
C ALA A 31 8.81 3.46 1.25
N ALA A 32 8.54 2.84 0.13
CA ALA A 32 7.12 2.68 -0.33
C ALA A 32 6.38 1.78 0.65
N VAL A 33 7.02 0.74 1.13
CA VAL A 33 6.37 -0.17 2.11
C VAL A 33 6.08 0.62 3.40
N LYS A 34 7.04 1.39 3.87
CA LYS A 34 6.77 2.20 5.10
C LYS A 34 5.61 3.16 4.82
N GLN A 35 5.59 3.74 3.63
CA GLN A 35 4.48 4.66 3.25
C GLN A 35 3.19 3.84 3.19
N LEU A 36 3.24 2.74 2.49
CA LEU A 36 2.06 1.84 2.37
C LEU A 36 1.61 1.36 3.75
N LEU A 37 2.56 1.06 4.61
CA LEU A 37 2.19 0.59 5.99
C LEU A 37 1.35 1.67 6.68
N SER A 38 1.68 2.93 6.48
CA SER A 38 0.89 4.02 7.10
C SER A 38 -0.56 3.95 6.61
N LEU A 39 -0.75 3.67 5.34
CA LEU A 39 -2.13 3.55 4.79
C LEU A 39 -2.82 2.35 5.41
N LYS A 40 -2.16 1.22 5.36
CA LYS A 40 -2.73 -0.03 5.96
C LYS A 40 -2.95 0.20 7.46
N ALA A 41 -2.02 0.87 8.09
CA ALA A 41 -2.14 1.13 9.55
C ALA A 41 -3.41 1.92 9.86
N GLU A 42 -3.65 3.01 9.15
CA GLU A 42 -4.89 3.80 9.41
C GLU A 42 -6.13 2.95 9.21
N TYR A 43 -6.22 2.26 8.09
CA TYR A 43 -7.40 1.39 7.83
C TYR A 43 -7.48 0.29 8.90
N LYS A 44 -6.36 -0.26 9.27
CA LYS A 44 -6.33 -1.34 10.30
C LYS A 44 -6.93 -0.85 11.62
N GLU A 45 -6.63 0.38 11.98
CA GLU A 45 -7.16 0.92 13.27
C GLU A 45 -8.70 0.89 13.30
N LYS A 46 -9.34 1.16 12.18
CA LYS A 46 -10.84 1.16 12.17
C LYS A 46 -11.39 -0.23 12.55
N THR A 47 -10.99 -1.27 11.85
CA THR A 47 -11.50 -2.64 12.19
C THR A 47 -10.54 -3.74 11.72
N GLY A 48 -9.30 -3.42 11.46
CA GLY A 48 -8.33 -4.46 11.00
C GLY A 48 -8.67 -4.93 9.59
N GLN A 49 -9.18 -4.05 8.76
CA GLN A 49 -9.53 -4.45 7.36
C GLN A 49 -8.33 -4.33 6.41
N GLU A 50 -7.27 -3.67 6.83
CA GLU A 50 -6.03 -3.50 5.98
C GLU A 50 -6.36 -3.33 4.48
N TYR A 51 -5.43 -3.64 3.62
CA TYR A 51 -5.68 -3.48 2.15
C TYR A 51 -6.83 -4.40 1.70
N LYS A 52 -7.89 -3.82 1.18
CA LYS A 52 -9.04 -4.65 0.69
C LYS A 52 -8.63 -5.41 -0.58
N PRO A 53 -9.00 -6.67 -0.66
CA PRO A 53 -8.62 -7.48 -1.84
C PRO A 53 -9.64 -7.28 -2.97
N GLY A 54 -9.53 -8.07 -4.02
CA GLY A 54 -10.47 -7.96 -5.17
C GLY A 54 -10.20 -6.70 -5.98
N ASN A 55 -9.01 -6.14 -5.88
CA ASN A 55 -8.68 -4.89 -6.67
C ASN A 55 -9.70 -3.78 -6.37
N PRO A 56 -9.51 -2.62 -6.96
CA PRO A 56 -10.44 -1.48 -6.74
C PRO A 56 -11.79 -1.78 -7.40
N PRO A 57 -12.86 -1.24 -6.83
CA PRO A 57 -14.21 -1.49 -7.38
C PRO A 57 -14.38 -0.80 -8.73
N ASP A 1 -17.99 7.40 0.03
CA ASP A 1 -16.91 7.29 -1.00
C ASP A 1 -15.74 6.48 -0.46
N SER A 2 -16.00 5.31 0.08
CA SER A 2 -14.90 4.46 0.62
C SER A 2 -13.97 4.00 -0.50
N LEU A 3 -14.44 4.01 -1.72
CA LEU A 3 -13.60 3.53 -2.86
C LEU A 3 -12.32 4.38 -2.98
N VAL A 4 -12.43 5.67 -2.80
CA VAL A 4 -11.21 6.54 -2.92
C VAL A 4 -10.12 6.07 -1.93
N LEU A 5 -10.53 5.72 -0.73
CA LEU A 5 -9.53 5.24 0.29
C LEU A 5 -8.80 4.00 -0.24
N TYR A 6 -9.52 3.12 -0.88
CA TYR A 6 -8.88 1.89 -1.46
C TYR A 6 -7.81 2.30 -2.48
N ASN A 7 -8.08 3.30 -3.27
CA ASN A 7 -7.10 3.74 -4.31
C ASN A 7 -5.80 4.22 -3.64
N ARG A 8 -5.91 4.94 -2.56
CA ARG A 8 -4.68 5.46 -1.86
C ARG A 8 -3.77 4.32 -1.41
N VAL A 9 -4.32 3.33 -0.74
CA VAL A 9 -3.48 2.19 -0.28
C VAL A 9 -2.99 1.42 -1.51
N ALA A 10 -3.83 1.25 -2.48
CA ALA A 10 -3.44 0.54 -3.74
C ALA A 10 -2.28 1.25 -4.44
N VAL A 11 -2.29 2.57 -4.44
CA VAL A 11 -1.22 3.33 -5.14
C VAL A 11 0.15 2.98 -4.53
N GLN A 12 0.29 3.04 -3.22
CA GLN A 12 1.62 2.69 -2.60
C GLN A 12 1.97 1.24 -2.96
N GLY A 13 1.05 0.33 -2.71
CA GLY A 13 1.26 -1.13 -2.98
C GLY A 13 2.01 -1.35 -4.30
N ASP A 14 1.44 -0.85 -5.38
CA ASP A 14 2.08 -1.01 -6.72
C ASP A 14 3.45 -0.33 -6.76
N VAL A 15 3.60 0.81 -6.13
CA VAL A 15 4.92 1.52 -6.18
C VAL A 15 6.01 0.62 -5.57
N VAL A 16 5.69 -0.09 -4.51
CA VAL A 16 6.70 -0.99 -3.88
C VAL A 16 7.14 -2.04 -4.91
N ARG A 17 6.19 -2.68 -5.55
CA ARG A 17 6.52 -3.70 -6.57
C ARG A 17 7.34 -3.07 -7.71
N GLU A 18 6.94 -1.90 -8.15
CA GLU A 18 7.69 -1.22 -9.26
C GLU A 18 9.13 -0.92 -8.85
N LEU A 19 9.36 -0.47 -7.65
CA LEU A 19 10.76 -0.16 -7.21
C LEU A 19 11.61 -1.43 -7.28
N LYS A 20 11.07 -2.54 -6.84
CA LYS A 20 11.82 -3.82 -6.89
C LYS A 20 12.05 -4.20 -8.34
N ALA A 21 11.06 -4.00 -9.17
CA ALA A 21 11.20 -4.30 -10.62
C ALA A 21 12.35 -3.46 -11.19
N LYS A 22 12.61 -2.32 -10.59
CA LYS A 22 13.72 -1.45 -11.07
C LYS A 22 15.05 -1.86 -10.41
N LYS A 23 15.09 -2.99 -9.73
CA LYS A 23 16.36 -3.44 -9.05
C LYS A 23 16.88 -2.39 -8.08
N ALA A 24 16.02 -1.51 -7.63
CA ALA A 24 16.46 -0.46 -6.67
C ALA A 24 16.98 -1.12 -5.38
N PRO A 25 17.72 -0.38 -4.58
CA PRO A 25 18.27 -0.96 -3.33
C PRO A 25 17.16 -1.25 -2.32
N LYS A 26 17.46 -2.07 -1.35
CA LYS A 26 16.45 -2.42 -0.30
C LYS A 26 15.90 -1.13 0.35
N GLU A 27 16.65 -0.07 0.29
CA GLU A 27 16.18 1.22 0.89
C GLU A 27 14.87 1.67 0.22
N ASP A 28 14.78 1.52 -1.09
CA ASP A 28 13.53 1.93 -1.80
C ASP A 28 12.39 0.95 -1.51
N VAL A 29 12.66 -0.32 -1.57
CA VAL A 29 11.59 -1.34 -1.32
C VAL A 29 11.15 -1.28 0.15
N ASP A 30 12.08 -1.33 1.06
CA ASP A 30 11.72 -1.29 2.51
C ASP A 30 10.98 0.01 2.86
N ALA A 31 11.45 1.12 2.36
CA ALA A 31 10.77 2.43 2.67
C ALA A 31 9.33 2.43 2.14
N ALA A 32 9.16 2.07 0.90
CA ALA A 32 7.79 2.05 0.30
C ALA A 32 6.91 1.01 0.98
N VAL A 33 7.46 -0.16 1.24
CA VAL A 33 6.64 -1.21 1.93
C VAL A 33 6.35 -0.73 3.35
N LYS A 34 7.29 -0.06 3.97
CA LYS A 34 7.04 0.49 5.34
C LYS A 34 5.87 1.47 5.26
N GLN A 35 5.88 2.29 4.25
CA GLN A 35 4.77 3.27 4.05
C GLN A 35 3.47 2.49 3.82
N LEU A 36 3.56 1.43 3.06
CA LEU A 36 2.36 0.59 2.77
C LEU A 36 1.77 0.07 4.09
N LEU A 37 2.63 -0.35 4.99
CA LEU A 37 2.13 -0.87 6.30
C LEU A 37 1.34 0.21 7.04
N SER A 38 1.79 1.44 6.99
CA SER A 38 1.04 2.54 7.67
C SER A 38 -0.35 2.67 7.06
N LEU A 39 -0.51 2.31 5.80
CA LEU A 39 -1.86 2.40 5.15
C LEU A 39 -2.78 1.40 5.81
N LYS A 40 -2.43 0.13 5.76
CA LYS A 40 -3.30 -0.90 6.41
C LYS A 40 -3.37 -0.63 7.90
N ALA A 41 -2.30 -0.15 8.46
CA ALA A 41 -2.26 0.16 9.92
C ALA A 41 -3.32 1.22 10.24
N GLU A 42 -3.35 2.30 9.50
CA GLU A 42 -4.37 3.36 9.76
C GLU A 42 -5.77 2.82 9.47
N TYR A 43 -5.90 2.04 8.42
CA TYR A 43 -7.23 1.45 8.07
C TYR A 43 -7.75 0.60 9.23
N LYS A 44 -6.87 -0.14 9.87
CA LYS A 44 -7.30 -1.02 11.00
C LYS A 44 -7.93 -0.19 12.13
N GLU A 45 -7.38 0.96 12.43
CA GLU A 45 -7.95 1.81 13.52
C GLU A 45 -9.41 2.17 13.25
N LYS A 46 -9.76 2.45 12.02
CA LYS A 46 -11.17 2.83 11.73
C LYS A 46 -12.12 1.65 12.00
N THR A 47 -11.93 0.54 11.32
CA THR A 47 -12.84 -0.64 11.56
C THR A 47 -12.23 -1.97 11.09
N GLY A 48 -10.95 -2.02 10.79
CA GLY A 48 -10.34 -3.31 10.32
C GLY A 48 -10.94 -3.67 8.96
N GLN A 49 -10.86 -2.78 8.01
CA GLN A 49 -11.45 -3.06 6.66
C GLN A 49 -10.48 -3.89 5.79
N GLU A 50 -9.20 -3.88 6.11
CA GLU A 50 -8.16 -4.67 5.32
C GLU A 50 -8.53 -4.81 3.82
N TYR A 51 -8.18 -3.84 3.02
CA TYR A 51 -8.53 -3.89 1.57
C TYR A 51 -7.99 -5.17 0.91
N LYS A 52 -8.69 -5.68 -0.07
CA LYS A 52 -8.24 -6.93 -0.76
C LYS A 52 -6.93 -6.69 -1.54
N PRO A 53 -6.19 -7.74 -1.79
CA PRO A 53 -4.90 -7.60 -2.52
C PRO A 53 -5.11 -7.36 -4.01
N GLY A 54 -6.30 -7.57 -4.53
CA GLY A 54 -6.53 -7.34 -5.99
C GLY A 54 -6.84 -5.87 -6.29
N ASN A 55 -6.09 -4.94 -5.73
CA ASN A 55 -6.34 -3.49 -6.02
C ASN A 55 -7.82 -3.13 -5.76
N PRO A 56 -8.20 -1.89 -6.00
CA PRO A 56 -9.60 -1.47 -5.78
C PRO A 56 -10.52 -2.12 -6.83
N PRO A 57 -11.77 -2.37 -6.46
CA PRO A 57 -12.72 -3.01 -7.40
C PRO A 57 -13.12 -2.03 -8.51
N ASP A 1 -16.33 8.98 -1.26
CA ASP A 1 -14.93 8.90 -1.76
C ASP A 1 -14.30 7.55 -1.41
N SER A 2 -15.10 6.53 -1.31
CA SER A 2 -14.56 5.17 -0.96
C SER A 2 -13.58 4.68 -2.04
N LEU A 3 -13.88 4.93 -3.29
CA LEU A 3 -12.97 4.48 -4.40
C LEU A 3 -11.60 5.14 -4.25
N VAL A 4 -11.59 6.42 -3.99
CA VAL A 4 -10.30 7.15 -3.84
C VAL A 4 -9.47 6.56 -2.69
N LEU A 5 -10.11 6.19 -1.60
CA LEU A 5 -9.36 5.61 -0.44
C LEU A 5 -8.63 4.33 -0.86
N TYR A 6 -9.32 3.43 -1.52
CA TYR A 6 -8.66 2.16 -1.97
C TYR A 6 -7.49 2.44 -2.90
N ASN A 7 -7.64 3.40 -3.78
CA ASN A 7 -6.54 3.72 -4.73
C ASN A 7 -5.28 4.14 -3.96
N ARG A 8 -5.44 4.89 -2.89
CA ARG A 8 -4.26 5.34 -2.11
C ARG A 8 -3.48 4.13 -1.58
N VAL A 9 -4.15 3.20 -0.93
CA VAL A 9 -3.43 2.00 -0.43
C VAL A 9 -2.95 1.16 -1.61
N ALA A 10 -3.77 1.04 -2.63
CA ALA A 10 -3.38 0.24 -3.84
C ALA A 10 -2.12 0.84 -4.48
N VAL A 11 -2.00 2.14 -4.47
CA VAL A 11 -0.80 2.81 -5.09
C VAL A 11 0.50 2.34 -4.42
N GLN A 12 0.59 2.39 -3.11
CA GLN A 12 1.87 1.95 -2.45
C GLN A 12 2.18 0.50 -2.82
N GLY A 13 1.23 -0.40 -2.60
CA GLY A 13 1.43 -1.86 -2.89
C GLY A 13 2.19 -2.04 -4.23
N ASP A 14 1.65 -1.46 -5.27
CA ASP A 14 2.28 -1.57 -6.62
C ASP A 14 3.64 -0.87 -6.67
N VAL A 15 3.77 0.26 -6.02
CA VAL A 15 5.09 1.00 -6.06
C VAL A 15 6.19 0.08 -5.50
N VAL A 16 5.91 -0.65 -4.45
CA VAL A 16 6.93 -1.57 -3.89
C VAL A 16 7.34 -2.59 -4.96
N ARG A 17 6.39 -3.23 -5.60
CA ARG A 17 6.72 -4.23 -6.67
C ARG A 17 7.50 -3.54 -7.79
N GLU A 18 7.07 -2.36 -8.18
CA GLU A 18 7.75 -1.62 -9.28
C GLU A 18 9.21 -1.33 -8.90
N LEU A 19 9.44 -0.84 -7.71
CA LEU A 19 10.83 -0.51 -7.29
C LEU A 19 11.71 -1.77 -7.32
N LYS A 20 11.20 -2.88 -6.82
CA LYS A 20 11.99 -4.13 -6.81
C LYS A 20 12.23 -4.60 -8.24
N ALA A 21 11.23 -4.47 -9.08
CA ALA A 21 11.41 -4.84 -10.51
C ALA A 21 12.46 -3.92 -11.14
N LYS A 22 12.59 -2.73 -10.59
CA LYS A 22 13.60 -1.78 -11.13
C LYS A 22 14.96 -2.00 -10.45
N LYS A 23 15.14 -3.09 -9.73
CA LYS A 23 16.44 -3.39 -9.04
C LYS A 23 16.80 -2.29 -8.05
N ALA A 24 15.83 -1.51 -7.61
CA ALA A 24 16.12 -0.42 -6.64
C ALA A 24 16.76 -1.02 -5.37
N PRO A 25 17.40 -0.19 -4.59
CA PRO A 25 18.07 -0.67 -3.35
C PRO A 25 17.02 -1.08 -2.31
N LYS A 26 17.43 -1.85 -1.34
CA LYS A 26 16.47 -2.29 -0.27
C LYS A 26 15.81 -1.07 0.38
N GLU A 27 16.50 0.05 0.38
CA GLU A 27 15.93 1.29 0.99
C GLU A 27 14.62 1.68 0.29
N ASP A 28 14.55 1.55 -1.02
CA ASP A 28 13.28 1.90 -1.73
C ASP A 28 12.18 0.89 -1.42
N VAL A 29 12.50 -0.38 -1.42
CA VAL A 29 11.46 -1.41 -1.13
C VAL A 29 11.04 -1.33 0.34
N ASP A 30 11.99 -1.36 1.23
CA ASP A 30 11.66 -1.30 2.69
C ASP A 30 10.91 0.00 3.03
N ALA A 31 11.38 1.11 2.52
CA ALA A 31 10.69 2.41 2.81
C ALA A 31 9.26 2.39 2.26
N ALA A 32 9.11 1.98 1.03
CA ALA A 32 7.74 1.94 0.42
C ALA A 32 6.88 0.90 1.13
N VAL A 33 7.41 -0.27 1.40
CA VAL A 33 6.60 -1.30 2.10
C VAL A 33 6.27 -0.78 3.51
N LYS A 34 7.19 -0.07 4.11
CA LYS A 34 6.92 0.51 5.47
C LYS A 34 5.72 1.44 5.36
N GLN A 35 5.69 2.23 4.32
CA GLN A 35 4.55 3.17 4.08
C GLN A 35 3.28 2.33 3.94
N LEU A 36 3.39 1.22 3.26
CA LEU A 36 2.23 0.30 3.06
C LEU A 36 1.60 -0.08 4.40
N LEU A 37 2.42 -0.41 5.37
CA LEU A 37 1.88 -0.81 6.71
C LEU A 37 1.08 0.35 7.30
N SER A 38 1.55 1.55 7.13
CA SER A 38 0.81 2.75 7.65
C SER A 38 -0.57 2.80 7.01
N LEU A 39 -0.68 2.36 5.78
CA LEU A 39 -2.01 2.39 5.09
C LEU A 39 -2.96 1.43 5.81
N LYS A 40 -2.60 0.16 5.90
CA LYS A 40 -3.49 -0.83 6.61
C LYS A 40 -3.67 -0.39 8.06
N ALA A 41 -2.67 0.22 8.63
CA ALA A 41 -2.77 0.66 10.06
C ALA A 41 -3.93 1.66 10.20
N GLU A 42 -4.09 2.57 9.26
CA GLU A 42 -5.25 3.52 9.34
C GLU A 42 -6.54 2.69 9.31
N TYR A 43 -6.61 1.79 8.37
CA TYR A 43 -7.79 0.87 8.29
C TYR A 43 -7.91 0.06 9.58
N LYS A 44 -6.78 -0.36 10.11
CA LYS A 44 -6.77 -1.18 11.37
C LYS A 44 -7.42 -0.41 12.53
N GLU A 45 -7.27 0.90 12.55
CA GLU A 45 -7.88 1.71 13.66
C GLU A 45 -9.38 1.43 13.77
N LYS A 46 -10.05 1.30 12.65
CA LYS A 46 -11.51 1.02 12.68
C LYS A 46 -11.77 -0.37 13.28
N THR A 47 -11.49 -1.42 12.52
CA THR A 47 -11.71 -2.80 13.03
C THR A 47 -10.90 -3.81 12.20
N GLY A 48 -9.77 -3.39 11.67
CA GLY A 48 -8.95 -4.31 10.83
C GLY A 48 -9.67 -4.57 9.50
N GLN A 49 -9.78 -3.57 8.67
CA GLN A 49 -10.47 -3.76 7.36
C GLN A 49 -9.52 -4.26 6.28
N GLU A 50 -8.23 -3.95 6.40
CA GLU A 50 -7.18 -4.37 5.38
C GLU A 50 -7.75 -4.48 3.95
N TYR A 51 -7.56 -3.46 3.15
CA TYR A 51 -8.12 -3.48 1.76
C TYR A 51 -7.65 -4.73 0.98
N LYS A 52 -8.53 -5.31 0.22
CA LYS A 52 -8.18 -6.52 -0.58
C LYS A 52 -7.12 -6.16 -1.63
N PRO A 53 -6.55 -7.15 -2.28
CA PRO A 53 -5.51 -6.85 -3.29
C PRO A 53 -6.10 -6.06 -4.46
N GLY A 54 -7.34 -6.33 -4.80
CA GLY A 54 -7.97 -5.54 -5.90
C GLY A 54 -8.46 -4.18 -5.38
N ASN A 55 -8.29 -3.90 -4.10
CA ASN A 55 -8.73 -2.61 -3.48
C ASN A 55 -10.10 -2.13 -4.02
N PRO A 56 -11.08 -3.01 -4.01
CA PRO A 56 -12.42 -2.63 -4.52
C PRO A 56 -13.10 -1.63 -3.57
N PRO A 57 -13.94 -0.77 -4.12
CA PRO A 57 -14.65 0.24 -3.29
C PRO A 57 -15.65 -0.44 -2.35
N ASP A 1 -17.34 7.77 -1.47
CA ASP A 1 -15.89 8.02 -1.76
C ASP A 1 -15.03 6.86 -1.24
N SER A 2 -15.60 5.70 -1.11
CA SER A 2 -14.83 4.52 -0.61
C SER A 2 -13.71 4.15 -1.59
N LEU A 3 -13.98 4.27 -2.87
CA LEU A 3 -12.95 3.93 -3.89
C LEU A 3 -11.72 4.81 -3.70
N VAL A 4 -11.95 6.06 -3.41
CA VAL A 4 -10.82 7.02 -3.19
C VAL A 4 -9.89 6.48 -2.10
N LEU A 5 -10.44 6.01 -1.01
CA LEU A 5 -9.58 5.45 0.08
C LEU A 5 -8.74 4.28 -0.46
N TYR A 6 -9.38 3.41 -1.21
CA TYR A 6 -8.65 2.24 -1.78
C TYR A 6 -7.50 2.68 -2.70
N ASN A 7 -7.74 3.69 -3.49
CA ASN A 7 -6.68 4.17 -4.44
C ASN A 7 -5.43 4.61 -3.69
N ARG A 8 -5.60 5.30 -2.59
CA ARG A 8 -4.40 5.77 -1.83
C ARG A 8 -3.53 4.59 -1.39
N VAL A 9 -4.13 3.60 -0.77
CA VAL A 9 -3.34 2.41 -0.34
C VAL A 9 -2.90 1.64 -1.59
N ALA A 10 -3.78 1.53 -2.55
CA ALA A 10 -3.45 0.80 -3.81
C ALA A 10 -2.26 1.47 -4.52
N VAL A 11 -2.18 2.78 -4.49
CA VAL A 11 -1.06 3.48 -5.17
C VAL A 11 0.29 3.05 -4.57
N GLN A 12 0.41 3.08 -3.26
CA GLN A 12 1.72 2.68 -2.64
C GLN A 12 2.04 1.21 -3.01
N GLY A 13 1.11 0.33 -2.74
CA GLY A 13 1.30 -1.16 -3.02
C GLY A 13 2.04 -1.36 -4.35
N ASP A 14 1.51 -0.80 -5.41
CA ASP A 14 2.13 -0.94 -6.76
C ASP A 14 3.54 -0.32 -6.79
N VAL A 15 3.73 0.80 -6.13
CA VAL A 15 5.08 1.46 -6.14
C VAL A 15 6.12 0.50 -5.56
N VAL A 16 5.79 -0.19 -4.50
CA VAL A 16 6.76 -1.16 -3.91
C VAL A 16 7.10 -2.24 -4.93
N ARG A 17 6.10 -2.80 -5.58
CA ARG A 17 6.36 -3.86 -6.61
C ARG A 17 7.23 -3.31 -7.74
N GLU A 18 6.97 -2.09 -8.16
CA GLU A 18 7.79 -1.49 -9.28
C GLU A 18 9.24 -1.32 -8.87
N LEU A 19 9.49 -0.90 -7.66
CA LEU A 19 10.92 -0.71 -7.20
C LEU A 19 11.68 -2.03 -7.27
N LYS A 20 11.07 -3.10 -6.83
CA LYS A 20 11.74 -4.42 -6.87
C LYS A 20 11.95 -4.82 -8.32
N ALA A 21 10.98 -4.54 -9.15
CA ALA A 21 11.13 -4.86 -10.60
C ALA A 21 12.30 -4.04 -11.16
N LYS A 22 12.63 -2.94 -10.52
CA LYS A 22 13.78 -2.10 -11.00
C LYS A 22 15.10 -2.59 -10.36
N LYS A 23 15.08 -3.73 -9.69
CA LYS A 23 16.31 -4.26 -9.03
C LYS A 23 16.85 -3.30 -7.97
N ALA A 24 16.02 -2.41 -7.49
CA ALA A 24 16.46 -1.43 -6.45
C ALA A 24 16.89 -2.19 -5.18
N PRO A 25 17.62 -1.51 -4.30
CA PRO A 25 18.07 -2.16 -3.06
C PRO A 25 16.90 -2.34 -2.08
N LYS A 26 17.05 -3.22 -1.13
CA LYS A 26 15.95 -3.46 -0.14
C LYS A 26 15.56 -2.17 0.59
N GLU A 27 16.49 -1.25 0.75
CA GLU A 27 16.17 0.02 1.46
C GLU A 27 15.01 0.75 0.77
N ASP A 28 14.97 0.75 -0.53
CA ASP A 28 13.85 1.44 -1.25
C ASP A 28 12.54 0.67 -1.07
N VAL A 29 12.59 -0.64 -1.18
CA VAL A 29 11.35 -1.46 -1.03
C VAL A 29 10.86 -1.41 0.43
N ASP A 30 11.73 -1.63 1.38
CA ASP A 30 11.30 -1.61 2.82
C ASP A 30 10.70 -0.26 3.18
N ALA A 31 11.33 0.81 2.76
CA ALA A 31 10.79 2.17 3.06
C ALA A 31 9.42 2.35 2.43
N ALA A 32 9.30 2.03 1.17
CA ALA A 32 7.99 2.19 0.47
C ALA A 32 6.93 1.25 1.07
N VAL A 33 7.30 0.02 1.36
CA VAL A 33 6.31 -0.92 1.96
C VAL A 33 6.00 -0.44 3.38
N LYS A 34 6.98 0.11 4.07
CA LYS A 34 6.74 0.63 5.45
C LYS A 34 5.68 1.72 5.34
N GLN A 35 5.79 2.52 4.30
CA GLN A 35 4.79 3.59 4.04
C GLN A 35 3.42 2.94 3.86
N LEU A 36 3.40 1.82 3.18
CA LEU A 36 2.12 1.08 2.94
C LEU A 36 1.45 0.74 4.28
N LEU A 37 2.22 0.26 5.23
CA LEU A 37 1.63 -0.09 6.57
C LEU A 37 0.95 1.13 7.18
N SER A 38 1.52 2.29 6.99
CA SER A 38 0.88 3.53 7.53
C SER A 38 -0.50 3.72 6.87
N LEU A 39 -0.58 3.44 5.59
CA LEU A 39 -1.89 3.58 4.88
C LEU A 39 -2.87 2.54 5.45
N LYS A 40 -2.46 1.29 5.41
CA LYS A 40 -3.32 0.20 5.96
C LYS A 40 -3.59 0.44 7.44
N ALA A 41 -2.61 0.97 8.15
CA ALA A 41 -2.78 1.22 9.61
C ALA A 41 -3.93 2.19 9.84
N GLU A 42 -4.03 3.24 9.06
CA GLU A 42 -5.16 4.20 9.25
C GLU A 42 -6.48 3.46 9.05
N TYR A 43 -6.58 2.70 7.98
CA TYR A 43 -7.81 1.91 7.72
C TYR A 43 -8.03 0.92 8.88
N LYS A 44 -6.97 0.33 9.36
CA LYS A 44 -7.06 -0.66 10.48
C LYS A 44 -7.67 -0.01 11.74
N GLU A 45 -7.33 1.23 12.00
CA GLU A 45 -7.84 1.92 13.22
C GLU A 45 -9.38 1.97 13.24
N LYS A 46 -10.02 2.22 12.13
CA LYS A 46 -11.51 2.30 12.13
C LYS A 46 -12.13 0.98 12.59
N THR A 47 -11.76 -0.11 11.95
CA THR A 47 -12.33 -1.44 12.34
C THR A 47 -11.41 -2.62 11.94
N GLY A 48 -10.17 -2.36 11.58
CA GLY A 48 -9.26 -3.47 11.18
C GLY A 48 -9.69 -4.04 9.82
N GLN A 49 -10.11 -3.19 8.91
CA GLN A 49 -10.56 -3.68 7.57
C GLN A 49 -9.37 -3.85 6.60
N GLU A 50 -8.26 -3.20 6.88
CA GLU A 50 -7.03 -3.27 6.02
C GLU A 50 -7.31 -3.22 4.51
N TYR A 51 -6.30 -2.91 3.73
CA TYR A 51 -6.48 -2.82 2.25
C TYR A 51 -6.71 -4.22 1.64
N LYS A 52 -7.86 -4.43 1.04
CA LYS A 52 -8.14 -5.76 0.40
C LYS A 52 -7.28 -5.92 -0.87
N PRO A 53 -6.91 -7.15 -1.18
CA PRO A 53 -6.08 -7.39 -2.38
C PRO A 53 -6.91 -7.25 -3.67
N GLY A 54 -6.38 -7.71 -4.77
CA GLY A 54 -7.11 -7.61 -6.07
C GLY A 54 -7.17 -6.16 -6.55
N ASN A 55 -6.31 -5.30 -6.04
CA ASN A 55 -6.30 -3.86 -6.47
C ASN A 55 -7.70 -3.24 -6.32
N PRO A 56 -7.80 -1.94 -6.57
CA PRO A 56 -9.12 -1.27 -6.45
C PRO A 56 -10.07 -1.73 -7.57
N PRO A 57 -11.35 -1.74 -7.29
CA PRO A 57 -12.35 -2.17 -8.30
C PRO A 57 -12.42 -1.16 -9.45
N ASP A 1 -17.65 6.84 -0.89
CA ASP A 1 -16.35 7.32 -1.48
C ASP A 1 -15.19 6.45 -0.98
N SER A 2 -15.46 5.23 -0.60
CA SER A 2 -14.37 4.33 -0.11
C SER A 2 -13.44 3.91 -1.25
N LEU A 3 -13.83 4.11 -2.48
CA LEU A 3 -12.98 3.72 -3.65
C LEU A 3 -11.65 4.48 -3.61
N VAL A 4 -11.69 5.74 -3.32
CA VAL A 4 -10.44 6.56 -3.29
C VAL A 4 -9.46 5.98 -2.25
N LEU A 5 -9.97 5.54 -1.13
CA LEU A 5 -9.08 4.96 -0.07
C LEU A 5 -8.31 3.77 -0.62
N TYR A 6 -8.98 2.88 -1.31
CA TYR A 6 -8.27 1.68 -1.87
C TYR A 6 -7.17 2.10 -2.82
N ASN A 7 -7.41 3.11 -3.63
CA ASN A 7 -6.35 3.56 -4.58
C ASN A 7 -5.09 4.00 -3.84
N ARG A 8 -5.26 4.68 -2.73
CA ARG A 8 -4.06 5.17 -1.96
C ARG A 8 -3.19 3.99 -1.51
N VAL A 9 -3.77 2.98 -0.90
CA VAL A 9 -2.94 1.82 -0.46
C VAL A 9 -2.43 1.08 -1.70
N ALA A 10 -3.26 0.95 -2.70
CA ALA A 10 -2.86 0.26 -3.96
C ALA A 10 -1.69 0.99 -4.65
N VAL A 11 -1.70 2.30 -4.61
CA VAL A 11 -0.61 3.07 -5.30
C VAL A 11 0.75 2.71 -4.71
N GLN A 12 0.90 2.74 -3.41
CA GLN A 12 2.23 2.38 -2.81
C GLN A 12 2.57 0.93 -3.20
N GLY A 13 1.64 0.02 -3.00
CA GLY A 13 1.86 -1.44 -3.32
C GLY A 13 2.59 -1.60 -4.66
N ASP A 14 2.03 -1.03 -5.70
CA ASP A 14 2.67 -1.11 -7.05
C ASP A 14 4.05 -0.44 -7.04
N VAL A 15 4.18 0.67 -6.36
CA VAL A 15 5.50 1.38 -6.30
C VAL A 15 6.55 0.44 -5.69
N VAL A 16 6.18 -0.33 -4.69
CA VAL A 16 7.15 -1.27 -4.07
C VAL A 16 7.63 -2.27 -5.14
N ARG A 17 6.70 -2.86 -5.86
CA ARG A 17 7.07 -3.82 -6.94
C ARG A 17 7.92 -3.11 -8.00
N GLU A 18 7.57 -1.90 -8.35
CA GLU A 18 8.35 -1.15 -9.38
C GLU A 18 9.79 -0.94 -8.92
N LEU A 19 9.99 -0.66 -7.66
CA LEU A 19 11.38 -0.47 -7.14
C LEU A 19 12.21 -1.74 -7.35
N LYS A 20 11.60 -2.88 -7.13
CA LYS A 20 12.33 -4.17 -7.33
C LYS A 20 12.58 -4.38 -8.82
N ALA A 21 11.62 -4.03 -9.63
CA ALA A 21 11.77 -4.18 -11.11
C ALA A 21 12.95 -3.33 -11.56
N LYS A 22 13.17 -2.21 -10.92
CA LYS A 22 14.32 -1.34 -11.31
C LYS A 22 15.58 -1.70 -10.50
N LYS A 23 15.61 -2.86 -9.88
CA LYS A 23 16.81 -3.29 -9.07
C LYS A 23 17.09 -2.32 -7.92
N ALA A 24 16.09 -1.57 -7.52
CA ALA A 24 16.30 -0.60 -6.40
C ALA A 24 16.84 -1.31 -5.15
N PRO A 25 17.59 -0.59 -4.35
CA PRO A 25 18.17 -1.20 -3.12
C PRO A 25 17.08 -1.52 -2.10
N LYS A 26 17.44 -2.22 -1.06
CA LYS A 26 16.46 -2.59 0.00
C LYS A 26 15.82 -1.33 0.61
N GLU A 27 16.57 -0.26 0.67
CA GLU A 27 16.03 1.01 1.27
C GLU A 27 14.79 1.49 0.51
N ASP A 28 14.79 1.38 -0.80
CA ASP A 28 13.60 1.84 -1.59
C ASP A 28 12.41 0.90 -1.36
N VAL A 29 12.66 -0.38 -1.31
CA VAL A 29 11.55 -1.36 -1.10
C VAL A 29 10.98 -1.23 0.30
N ASP A 30 11.82 -1.28 1.31
CA ASP A 30 11.33 -1.18 2.71
C ASP A 30 10.61 0.16 2.94
N ALA A 31 11.17 1.23 2.45
CA ALA A 31 10.52 2.57 2.64
C ALA A 31 9.14 2.59 1.97
N ALA A 32 9.05 2.12 0.76
CA ALA A 32 7.73 2.10 0.06
C ALA A 32 6.75 1.18 0.78
N VAL A 33 7.18 0.00 1.17
CA VAL A 33 6.26 -0.93 1.89
C VAL A 33 5.94 -0.30 3.25
N LYS A 34 6.91 0.32 3.88
CA LYS A 34 6.64 0.99 5.18
C LYS A 34 5.57 2.07 4.95
N GLN A 35 5.69 2.79 3.86
CA GLN A 35 4.67 3.82 3.53
C GLN A 35 3.32 3.12 3.31
N LEU A 36 3.35 2.06 2.55
CA LEU A 36 2.11 1.27 2.28
C LEU A 36 1.54 0.75 3.60
N LEU A 37 2.40 0.29 4.48
CA LEU A 37 1.91 -0.23 5.80
C LEU A 37 1.17 0.87 6.54
N SER A 38 1.65 2.09 6.44
CA SER A 38 0.96 3.22 7.12
C SER A 38 -0.46 3.36 6.56
N LEU A 39 -0.61 3.20 5.26
CA LEU A 39 -1.97 3.29 4.65
C LEU A 39 -2.83 2.15 5.21
N LYS A 40 -2.31 0.96 5.17
CA LYS A 40 -3.03 -0.22 5.74
C LYS A 40 -3.28 0.00 7.23
N ALA A 41 -2.30 0.56 7.91
CA ALA A 41 -2.44 0.82 9.37
C ALA A 41 -3.62 1.75 9.66
N GLU A 42 -3.71 2.86 8.97
CA GLU A 42 -4.85 3.80 9.23
C GLU A 42 -6.18 3.09 8.97
N TYR A 43 -6.30 2.45 7.85
CA TYR A 43 -7.57 1.70 7.52
C TYR A 43 -7.83 0.62 8.57
N LYS A 44 -6.78 0.00 9.05
CA LYS A 44 -6.92 -1.09 10.07
C LYS A 44 -7.59 -0.57 11.35
N GLU A 45 -7.24 0.62 11.77
CA GLU A 45 -7.83 1.18 13.02
C GLU A 45 -9.36 1.21 12.95
N LYS A 46 -9.92 1.54 11.81
CA LYS A 46 -11.41 1.60 11.71
C LYS A 46 -12.04 0.24 12.02
N THR A 47 -11.63 -0.80 11.32
CA THR A 47 -12.22 -2.16 11.58
C THR A 47 -11.30 -3.28 11.09
N GLY A 48 -10.04 -3.00 10.84
CA GLY A 48 -9.12 -4.07 10.33
C GLY A 48 -9.51 -4.43 8.90
N GLN A 49 -9.90 -3.46 8.12
CA GLN A 49 -10.30 -3.74 6.70
C GLN A 49 -9.07 -3.85 5.80
N GLU A 50 -8.01 -3.16 6.14
CA GLU A 50 -6.73 -3.16 5.33
C GLU A 50 -7.00 -3.13 3.82
N TYR A 51 -5.97 -3.28 3.02
CA TYR A 51 -6.16 -3.25 1.53
C TYR A 51 -6.90 -4.49 1.04
N LYS A 52 -8.08 -4.31 0.50
CA LYS A 52 -8.85 -5.48 -0.04
C LYS A 52 -8.16 -5.97 -1.32
N PRO A 53 -8.22 -7.27 -1.57
CA PRO A 53 -7.57 -7.82 -2.78
C PRO A 53 -8.46 -7.66 -4.02
N GLY A 54 -9.69 -8.09 -3.94
CA GLY A 54 -10.59 -7.95 -5.12
C GLY A 54 -11.14 -6.52 -5.23
N ASN A 55 -10.73 -5.61 -4.37
CA ASN A 55 -11.23 -4.20 -4.45
C ASN A 55 -12.77 -4.15 -4.50
N PRO A 56 -13.39 -3.90 -3.36
CA PRO A 56 -14.87 -3.82 -3.31
C PRO A 56 -15.48 -2.73 -4.23
N PRO A 57 -14.80 -1.61 -4.47
CA PRO A 57 -15.38 -0.59 -5.38
C PRO A 57 -15.35 -1.08 -6.83
N ASP A 1 -16.41 6.24 0.22
CA ASP A 1 -15.27 6.31 1.16
C ASP A 1 -14.41 5.04 1.07
N SER A 2 -15.05 3.91 0.98
CA SER A 2 -14.28 2.63 0.90
C SER A 2 -13.49 2.55 -0.41
N LEU A 3 -14.07 3.01 -1.50
CA LEU A 3 -13.37 2.94 -2.83
C LEU A 3 -12.12 3.83 -2.83
N VAL A 4 -12.27 5.09 -2.53
CA VAL A 4 -11.09 6.02 -2.55
C VAL A 4 -10.00 5.54 -1.59
N LEU A 5 -10.38 5.09 -0.43
CA LEU A 5 -9.36 4.59 0.56
C LEU A 5 -8.59 3.42 -0.04
N TYR A 6 -9.27 2.53 -0.74
CA TYR A 6 -8.58 1.38 -1.38
C TYR A 6 -7.53 1.88 -2.37
N ASN A 7 -7.84 2.90 -3.10
CA ASN A 7 -6.86 3.45 -4.10
C ASN A 7 -5.58 3.89 -3.38
N ARG A 8 -5.72 4.51 -2.23
CA ARG A 8 -4.52 4.98 -1.49
C ARG A 8 -3.58 3.82 -1.14
N VAL A 9 -4.10 2.76 -0.56
CA VAL A 9 -3.21 1.61 -0.21
C VAL A 9 -2.76 0.90 -1.49
N ALA A 10 -3.65 0.75 -2.44
CA ALA A 10 -3.29 0.08 -3.73
C ALA A 10 -2.20 0.85 -4.47
N VAL A 11 -2.32 2.17 -4.54
CA VAL A 11 -1.29 2.98 -5.28
C VAL A 11 0.09 2.79 -4.65
N GLN A 12 0.20 2.87 -3.34
CA GLN A 12 1.55 2.67 -2.71
C GLN A 12 2.07 1.28 -3.06
N GLY A 13 1.27 0.26 -2.88
CA GLY A 13 1.68 -1.17 -3.16
C GLY A 13 2.53 -1.22 -4.45
N ASP A 14 2.06 -0.59 -5.49
CA ASP A 14 2.80 -0.57 -6.80
C ASP A 14 4.12 0.19 -6.65
N VAL A 15 4.16 1.22 -5.84
CA VAL A 15 5.42 2.01 -5.69
C VAL A 15 6.54 1.09 -5.19
N VAL A 16 6.25 0.25 -4.22
CA VAL A 16 7.29 -0.72 -3.74
C VAL A 16 7.71 -1.60 -4.92
N ARG A 17 6.73 -2.08 -5.64
CA ARG A 17 7.00 -2.95 -6.83
C ARG A 17 7.84 -2.20 -7.88
N GLU A 18 7.54 -0.93 -8.08
CA GLU A 18 8.31 -0.13 -9.09
C GLU A 18 9.80 -0.11 -8.71
N LEU A 19 10.07 0.07 -7.46
CA LEU A 19 11.50 0.11 -6.99
C LEU A 19 12.20 -1.21 -7.30
N LYS A 20 11.51 -2.31 -7.13
CA LYS A 20 12.12 -3.64 -7.41
C LYS A 20 12.32 -3.77 -8.92
N ALA A 21 11.37 -3.30 -9.68
CA ALA A 21 11.49 -3.37 -11.16
C ALA A 21 12.72 -2.59 -11.61
N LYS A 22 13.08 -1.56 -10.87
CA LYS A 22 14.29 -0.76 -11.23
C LYS A 22 15.53 -1.27 -10.47
N LYS A 23 15.48 -2.48 -9.95
CA LYS A 23 16.65 -3.06 -9.19
C LYS A 23 17.04 -2.16 -8.02
N ALA A 24 16.11 -1.38 -7.54
CA ALA A 24 16.41 -0.47 -6.38
C ALA A 24 16.88 -1.29 -5.16
N PRO A 25 17.70 -0.68 -4.34
CA PRO A 25 18.22 -1.37 -3.13
C PRO A 25 17.10 -1.64 -2.14
N LYS A 26 17.30 -2.58 -1.25
CA LYS A 26 16.24 -2.90 -0.23
C LYS A 26 15.88 -1.63 0.54
N GLU A 27 16.80 -0.70 0.64
CA GLU A 27 16.52 0.57 1.36
C GLU A 27 15.35 1.30 0.70
N ASP A 28 15.28 1.30 -0.60
CA ASP A 28 14.14 1.98 -1.30
C ASP A 28 12.85 1.20 -1.07
N VAL A 29 12.91 -0.09 -1.23
CA VAL A 29 11.69 -0.94 -1.03
C VAL A 29 11.27 -0.90 0.44
N ASP A 30 12.22 -0.97 1.34
CA ASP A 30 11.89 -0.95 2.80
C ASP A 30 11.15 0.33 3.17
N ALA A 31 11.66 1.47 2.78
CA ALA A 31 10.97 2.75 3.13
C ALA A 31 9.55 2.79 2.54
N ALA A 32 9.42 2.42 1.29
CA ALA A 32 8.07 2.43 0.65
C ALA A 32 7.14 1.39 1.28
N VAL A 33 7.65 0.21 1.59
CA VAL A 33 6.78 -0.82 2.22
C VAL A 33 6.39 -0.33 3.62
N LYS A 34 7.30 0.28 4.34
CA LYS A 34 6.96 0.81 5.70
C LYS A 34 5.83 1.84 5.52
N GLN A 35 5.93 2.66 4.50
CA GLN A 35 4.87 3.67 4.23
C GLN A 35 3.60 2.92 3.85
N LEU A 36 3.76 1.93 3.01
CA LEU A 36 2.59 1.09 2.56
C LEU A 36 1.93 0.43 3.76
N LEU A 37 2.69 -0.19 4.63
CA LEU A 37 2.08 -0.84 5.83
C LEU A 37 1.32 0.21 6.65
N SER A 38 1.85 1.41 6.73
CA SER A 38 1.15 2.49 7.50
C SER A 38 -0.23 2.73 6.87
N LEU A 39 -0.33 2.64 5.56
CA LEU A 39 -1.66 2.86 4.89
C LEU A 39 -2.66 1.82 5.41
N LYS A 40 -2.23 0.59 5.56
CA LYS A 40 -3.14 -0.46 6.08
C LYS A 40 -3.58 -0.10 7.50
N ALA A 41 -2.67 0.40 8.29
CA ALA A 41 -3.01 0.78 9.70
C ALA A 41 -4.12 1.84 9.72
N GLU A 42 -4.05 2.79 8.83
CA GLU A 42 -5.10 3.85 8.80
C GLU A 42 -6.47 3.21 8.54
N TYR A 43 -6.56 2.36 7.55
CA TYR A 43 -7.85 1.68 7.24
C TYR A 43 -8.31 0.86 8.46
N LYS A 44 -7.38 0.20 9.12
CA LYS A 44 -7.73 -0.64 10.31
C LYS A 44 -8.33 0.20 11.45
N GLU A 45 -8.03 1.48 11.50
CA GLU A 45 -8.58 2.34 12.59
C GLU A 45 -10.10 2.30 12.63
N LYS A 46 -10.73 2.31 11.48
CA LYS A 46 -12.22 2.29 11.45
C LYS A 46 -12.76 0.99 12.03
N THR A 47 -12.34 -0.14 11.49
CA THR A 47 -12.83 -1.45 12.02
C THR A 47 -11.93 -2.60 11.55
N GLY A 48 -10.68 -2.32 11.30
CA GLY A 48 -9.76 -3.41 10.83
C GLY A 48 -10.11 -3.83 9.39
N GLN A 49 -10.40 -2.87 8.54
CA GLN A 49 -10.76 -3.22 7.12
C GLN A 49 -9.49 -3.40 6.27
N GLU A 50 -8.38 -2.82 6.69
CA GLU A 50 -7.08 -2.93 5.95
C GLU A 50 -7.26 -2.92 4.42
N TYR A 51 -6.31 -3.45 3.69
CA TYR A 51 -6.42 -3.47 2.19
C TYR A 51 -7.60 -4.35 1.76
N LYS A 52 -8.52 -3.79 1.00
CA LYS A 52 -9.69 -4.60 0.53
C LYS A 52 -9.21 -5.67 -0.48
N PRO A 53 -9.70 -6.87 -0.35
CA PRO A 53 -9.28 -7.96 -1.26
C PRO A 53 -10.16 -8.01 -2.53
N GLY A 54 -9.84 -8.89 -3.44
CA GLY A 54 -10.64 -9.01 -4.70
C GLY A 54 -10.43 -7.80 -5.60
N ASN A 55 -9.28 -7.16 -5.53
CA ASN A 55 -9.03 -5.96 -6.42
C ASN A 55 -10.15 -4.90 -6.21
N PRO A 56 -10.05 -3.79 -6.89
CA PRO A 56 -11.10 -2.75 -6.76
C PRO A 56 -12.40 -3.23 -7.41
N PRO A 57 -13.52 -2.78 -6.90
CA PRO A 57 -14.83 -3.20 -7.46
C PRO A 57 -15.04 -2.60 -8.86
N ASP A 1 -16.60 8.48 0.34
CA ASP A 1 -16.68 7.24 -0.49
C ASP A 1 -15.50 6.31 -0.19
N SER A 2 -15.78 5.04 0.00
CA SER A 2 -14.70 4.07 0.31
C SER A 2 -13.77 3.90 -0.90
N LEU A 3 -14.26 4.16 -2.09
CA LEU A 3 -13.41 4.02 -3.32
C LEU A 3 -12.21 4.97 -3.23
N VAL A 4 -12.46 6.18 -2.82
CA VAL A 4 -11.35 7.19 -2.71
C VAL A 4 -10.25 6.68 -1.76
N LEU A 5 -10.65 6.22 -0.59
CA LEU A 5 -9.64 5.70 0.40
C LEU A 5 -8.87 4.53 -0.19
N TYR A 6 -9.53 3.65 -0.91
CA TYR A 6 -8.83 2.48 -1.52
C TYR A 6 -7.70 2.94 -2.45
N ASN A 7 -7.95 3.96 -3.21
CA ASN A 7 -6.91 4.47 -4.17
C ASN A 7 -5.65 4.92 -3.42
N ARG A 8 -5.80 5.57 -2.30
CA ARG A 8 -4.59 6.06 -1.55
C ARG A 8 -3.70 4.89 -1.16
N VAL A 9 -4.26 3.89 -0.50
CA VAL A 9 -3.43 2.72 -0.09
C VAL A 9 -3.04 1.90 -1.34
N ALA A 10 -3.94 1.76 -2.26
CA ALA A 10 -3.66 0.98 -3.52
C ALA A 10 -2.50 1.60 -4.30
N VAL A 11 -2.48 2.91 -4.43
CA VAL A 11 -1.40 3.58 -5.21
C VAL A 11 -0.02 3.27 -4.60
N GLN A 12 0.14 3.43 -3.31
CA GLN A 12 1.47 3.11 -2.69
C GLN A 12 1.80 1.63 -2.93
N GLY A 13 0.88 0.75 -2.63
CA GLY A 13 1.08 -0.74 -2.79
C GLY A 13 1.87 -1.04 -4.07
N ASP A 14 1.45 -0.46 -5.16
CA ASP A 14 2.14 -0.69 -6.48
C ASP A 14 3.56 -0.13 -6.45
N VAL A 15 3.77 0.99 -5.79
CA VAL A 15 5.14 1.58 -5.76
C VAL A 15 6.12 0.59 -5.10
N VAL A 16 5.71 -0.08 -4.07
CA VAL A 16 6.63 -1.08 -3.41
C VAL A 16 7.00 -2.15 -4.44
N ARG A 17 6.02 -2.71 -5.11
CA ARG A 17 6.30 -3.74 -6.15
C ARG A 17 7.13 -3.13 -7.28
N GLU A 18 6.81 -1.91 -7.65
CA GLU A 18 7.54 -1.22 -8.77
C GLU A 18 9.03 -1.09 -8.46
N LEU A 19 9.37 -0.73 -7.25
CA LEU A 19 10.81 -0.58 -6.89
C LEU A 19 11.55 -1.91 -7.10
N LYS A 20 10.96 -2.98 -6.65
CA LYS A 20 11.58 -4.32 -6.84
C LYS A 20 11.51 -4.68 -8.31
N ALA A 21 10.43 -4.31 -8.96
CA ALA A 21 10.30 -4.59 -10.42
C ALA A 21 11.44 -3.89 -11.16
N LYS A 22 11.88 -2.76 -10.66
CA LYS A 22 13.01 -2.04 -11.33
C LYS A 22 14.36 -2.44 -10.68
N LYS A 23 14.41 -3.56 -10.00
CA LYS A 23 15.68 -4.04 -9.35
C LYS A 23 16.20 -3.05 -8.30
N ALA A 24 15.35 -2.18 -7.82
CA ALA A 24 15.79 -1.18 -6.80
C ALA A 24 16.37 -1.89 -5.55
N PRO A 25 17.10 -1.15 -4.74
CA PRO A 25 17.71 -1.73 -3.52
C PRO A 25 16.66 -1.91 -2.42
N LYS A 26 17.01 -2.67 -1.40
CA LYS A 26 16.05 -2.90 -0.28
C LYS A 26 15.63 -1.58 0.38
N GLU A 27 16.45 -0.57 0.34
CA GLU A 27 16.08 0.74 0.98
C GLU A 27 14.76 1.27 0.39
N ASP A 28 14.59 1.13 -0.90
CA ASP A 28 13.32 1.61 -1.53
C ASP A 28 12.18 0.67 -1.15
N VAL A 29 12.47 -0.60 -1.12
CA VAL A 29 11.42 -1.61 -0.78
C VAL A 29 11.00 -1.46 0.68
N ASP A 30 11.94 -1.48 1.59
CA ASP A 30 11.59 -1.35 3.04
C ASP A 30 10.88 -0.02 3.32
N ALA A 31 11.41 1.07 2.84
CA ALA A 31 10.75 2.39 3.10
C ALA A 31 9.33 2.40 2.55
N ALA A 32 9.16 1.98 1.32
CA ALA A 32 7.80 1.97 0.71
C ALA A 32 6.89 0.97 1.44
N VAL A 33 7.41 -0.18 1.79
CA VAL A 33 6.56 -1.18 2.51
C VAL A 33 6.20 -0.63 3.89
N LYS A 34 7.13 0.02 4.57
CA LYS A 34 6.78 0.64 5.90
C LYS A 34 5.68 1.68 5.66
N GLN A 35 5.80 2.43 4.59
CA GLN A 35 4.75 3.44 4.28
C GLN A 35 3.46 2.72 3.95
N LEU A 36 3.54 1.72 3.11
CA LEU A 36 2.33 0.94 2.72
C LEU A 36 1.69 0.30 3.97
N LEU A 37 2.49 -0.26 4.84
CA LEU A 37 1.93 -0.89 6.07
C LEU A 37 1.19 0.16 6.89
N SER A 38 1.73 1.35 6.95
CA SER A 38 1.06 2.43 7.72
C SER A 38 -0.34 2.68 7.13
N LEU A 39 -0.47 2.64 5.83
CA LEU A 39 -1.80 2.87 5.20
C LEU A 39 -2.79 1.82 5.69
N LYS A 40 -2.46 0.55 5.53
CA LYS A 40 -3.38 -0.54 6.01
C LYS A 40 -3.57 -0.42 7.52
N ALA A 41 -2.51 -0.09 8.21
CA ALA A 41 -2.58 0.02 9.70
C ALA A 41 -3.61 1.08 10.10
N GLU A 42 -3.62 2.24 9.47
CA GLU A 42 -4.62 3.28 9.85
C GLU A 42 -6.04 2.74 9.63
N TYR A 43 -6.29 2.21 8.46
CA TYR A 43 -7.64 1.63 8.16
C TYR A 43 -7.90 0.43 9.08
N LYS A 44 -6.88 -0.36 9.32
CA LYS A 44 -7.03 -1.57 10.18
C LYS A 44 -7.49 -1.19 11.60
N GLU A 45 -6.98 -0.10 12.13
CA GLU A 45 -7.37 0.32 13.51
C GLU A 45 -8.89 0.46 13.64
N LYS A 46 -9.56 0.96 12.62
CA LYS A 46 -11.03 1.11 12.71
C LYS A 46 -11.73 -0.25 12.87
N THR A 47 -11.50 -1.16 11.96
CA THR A 47 -12.17 -2.50 12.06
C THR A 47 -11.40 -3.59 11.29
N GLY A 48 -10.15 -3.36 10.98
CA GLY A 48 -9.39 -4.38 10.20
C GLY A 48 -9.97 -4.47 8.79
N GLN A 49 -10.09 -3.35 8.13
CA GLN A 49 -10.68 -3.33 6.76
C GLN A 49 -9.68 -3.84 5.71
N GLU A 50 -8.40 -3.50 5.86
CA GLU A 50 -7.33 -3.95 4.89
C GLU A 50 -7.84 -4.08 3.45
N TYR A 51 -7.64 -3.08 2.63
CA TYR A 51 -8.14 -3.14 1.22
C TYR A 51 -7.59 -4.39 0.51
N LYS A 52 -8.38 -4.99 -0.34
CA LYS A 52 -7.93 -6.22 -1.05
C LYS A 52 -6.76 -5.91 -2.00
N PRO A 53 -5.99 -6.93 -2.32
CA PRO A 53 -4.84 -6.75 -3.23
C PRO A 53 -5.29 -6.48 -4.68
N GLY A 54 -6.57 -6.58 -4.96
CA GLY A 54 -7.06 -6.30 -6.35
C GLY A 54 -7.18 -4.79 -6.60
N ASN A 55 -6.84 -3.96 -5.64
CA ASN A 55 -6.93 -2.47 -5.84
C ASN A 55 -8.37 -2.07 -6.25
N PRO A 56 -8.60 -0.76 -6.35
CA PRO A 56 -9.95 -0.27 -6.73
C PRO A 56 -10.23 -0.58 -8.21
N PRO A 57 -11.50 -0.78 -8.53
CA PRO A 57 -11.88 -1.09 -9.93
C PRO A 57 -11.62 0.10 -10.85
#